data_1WS2
#
_entry.id   1WS2
#
_cell.length_a   140.181
_cell.length_b   140.181
_cell.length_c   151.176
_cell.angle_alpha   90.00
_cell.angle_beta   90.00
_cell.angle_gamma   120.00
#
_symmetry.space_group_name_H-M   'P 31 2 1'
#
loop_
_entity.id
_entity.type
_entity.pdbx_description
1 polymer Uricase
2 non-polymer 5,6-DIAMINOPYRIMIDINE-2,4(1H,3H)-DIONE
3 water water
#
_entity_poly.entity_id   1
_entity_poly.type   'polypeptide(L)'
_entity_poly.pdbx_seq_one_letter_code
;(SAC)AVKAARYGKDNVRVYKVHKDEKTGVQTVYEMTVCVLLEGEIETSYTKADNSVIVATDSIKNTIYITAKQNPVTPP
ELFGSILGTHFIEKYNHIHAAHVNIVCHRWTRMDIDGKPHPHSFIRDSEEKRNVQVDVVEGKGIDIKSSLSGLTVLKSTN
SQFWGFLRDEYTTLKETWDRILSTDVDATWQWKNFSGLQEVRSHVPKFDATWATAREVTLKTFAEDNSASVQATMYKMAE
QILARQQLIETVEYSLPNKHYFEIDLSWHKGLQNTGKNAEVFAPQSDPNGLIKCTVGRSSLKSKL
;
_entity_poly.pdbx_strand_id   A,B,C,D
#
# COMPACT_ATOMS: atom_id res chain seq x y z
N ALA A 2 -13.76 33.83 -10.84
CA ALA A 2 -14.24 32.97 -11.89
C ALA A 2 -13.59 31.56 -11.82
N VAL A 3 -14.21 30.68 -12.54
CA VAL A 3 -13.68 29.38 -12.72
C VAL A 3 -12.55 29.40 -13.84
N LYS A 4 -11.26 29.51 -13.48
CA LYS A 4 -10.18 29.24 -14.45
C LYS A 4 -10.14 27.88 -15.21
N ALA A 5 -10.42 26.78 -14.53
CA ALA A 5 -10.38 25.40 -15.14
C ALA A 5 -11.29 24.49 -14.36
N ALA A 6 -11.83 23.47 -15.02
CA ALA A 6 -12.70 22.53 -14.40
C ALA A 6 -12.72 21.26 -15.21
N ARG A 7 -12.62 20.10 -14.57
CA ARG A 7 -13.01 18.84 -15.22
C ARG A 7 -13.49 17.85 -14.19
N TYR A 8 -14.24 16.86 -14.64
CA TYR A 8 -14.82 15.90 -13.74
C TYR A 8 -15.07 14.59 -14.54
N GLY A 9 -15.18 13.47 -13.87
CA GLY A 9 -15.25 12.22 -14.62
C GLY A 9 -15.22 11.05 -13.60
N LYS A 10 -14.77 9.90 -14.09
CA LYS A 10 -14.85 8.68 -13.33
C LYS A 10 -13.46 8.07 -13.26
N ASP A 11 -12.86 7.99 -12.09
CA ASP A 11 -11.58 7.28 -11.95
C ASP A 11 -11.78 5.80 -11.60
N ASN A 12 -10.73 5.01 -11.80
CA ASN A 12 -10.67 3.63 -11.34
C ASN A 12 -11.77 2.77 -11.77
N VAL A 13 -12.02 2.76 -13.04
CA VAL A 13 -13.05 1.90 -13.52
C VAL A 13 -12.37 0.66 -14.00
N ARG A 14 -12.58 -0.47 -13.34
CA ARG A 14 -11.83 -1.65 -13.74
C ARG A 14 -12.62 -2.36 -14.79
N VAL A 15 -11.96 -2.96 -15.77
CA VAL A 15 -12.66 -3.43 -16.96
C VAL A 15 -11.95 -4.68 -17.41
N TYR A 16 -12.68 -5.76 -17.58
CA TYR A 16 -12.05 -6.94 -18.13
C TYR A 16 -12.77 -7.33 -19.42
N LYS A 17 -12.01 -7.86 -20.37
CA LYS A 17 -12.63 -8.29 -21.57
C LYS A 17 -11.93 -9.49 -22.16
N VAL A 18 -12.71 -10.43 -22.63
CA VAL A 18 -12.15 -11.71 -23.11
C VAL A 18 -12.50 -11.90 -24.58
N HIS A 19 -11.58 -12.49 -25.31
CA HIS A 19 -11.77 -12.70 -26.69
C HIS A 19 -11.71 -14.24 -26.90
N LYS A 20 -12.77 -14.78 -27.52
CA LYS A 20 -12.86 -16.21 -27.77
C LYS A 20 -12.69 -16.57 -29.26
N ASP A 21 -11.58 -17.20 -29.65
CA ASP A 21 -11.42 -17.71 -31.01
C ASP A 21 -12.17 -19.10 -31.20
N GLU A 22 -13.50 -19.07 -31.49
CA GLU A 22 -14.37 -20.31 -31.57
C GLU A 22 -13.82 -21.34 -32.58
N LYS A 23 -13.05 -20.86 -33.58
CA LYS A 23 -12.15 -21.69 -34.39
C LYS A 23 -11.05 -22.50 -33.55
N THR A 24 -9.84 -21.92 -33.26
CA THR A 24 -8.76 -22.50 -32.32
C THR A 24 -9.15 -23.04 -30.89
N GLY A 25 -10.23 -22.53 -30.29
CA GLY A 25 -10.50 -22.75 -28.84
C GLY A 25 -9.84 -21.66 -27.94
N VAL A 26 -8.63 -21.23 -28.33
CA VAL A 26 -7.86 -20.15 -27.73
C VAL A 26 -8.54 -18.83 -27.29
N GLN A 27 -8.52 -18.61 -25.98
CA GLN A 27 -9.02 -17.37 -25.40
C GLN A 27 -7.87 -16.44 -25.06
N THR A 28 -8.17 -15.15 -25.04
CA THR A 28 -7.16 -14.12 -24.74
C THR A 28 -7.93 -13.09 -23.91
N VAL A 29 -7.29 -12.60 -22.84
CA VAL A 29 -7.85 -11.59 -21.96
C VAL A 29 -7.12 -10.30 -21.86
N TYR A 30 -7.91 -9.30 -21.48
CA TYR A 30 -7.41 -7.95 -21.26
C TYR A 30 -8.08 -7.33 -20.05
N GLU A 31 -7.27 -6.68 -19.25
CA GLU A 31 -7.81 -6.10 -18.09
C GLU A 31 -7.14 -4.73 -17.92
N MET A 32 -7.92 -3.69 -17.69
CA MET A 32 -7.28 -2.39 -17.58
C MET A 32 -8.01 -1.57 -16.58
N THR A 33 -7.46 -0.49 -16.11
CA THR A 33 -8.21 0.36 -15.20
C THR A 33 -8.27 1.69 -15.98
N VAL A 34 -9.42 2.34 -15.98
CA VAL A 34 -9.67 3.44 -16.91
C VAL A 34 -10.12 4.68 -16.18
N CYS A 35 -9.71 5.86 -16.65
CA CYS A 35 -10.11 7.08 -16.01
C CYS A 35 -10.56 8.03 -17.11
N VAL A 36 -11.72 8.70 -16.97
CA VAL A 36 -12.21 9.61 -18.02
C VAL A 36 -12.60 10.92 -17.38
N LEU A 37 -11.95 12.00 -17.75
CA LEU A 37 -12.30 13.29 -17.18
C LEU A 37 -12.85 14.18 -18.30
N LEU A 38 -14.02 14.76 -18.16
CA LEU A 38 -14.56 15.65 -19.23
C LEU A 38 -14.29 17.11 -18.93
N GLU A 39 -14.01 17.90 -20.00
CA GLU A 39 -14.07 19.40 -19.98
C GLU A 39 -15.08 19.99 -20.99
N GLY A 40 -15.57 21.20 -20.72
CA GLY A 40 -16.58 21.84 -21.59
C GLY A 40 -17.37 23.00 -20.98
N GLU A 41 -18.50 23.38 -21.60
CA GLU A 41 -19.15 24.58 -21.08
C GLU A 41 -19.92 24.09 -19.88
N ILE A 42 -19.23 24.00 -18.74
CA ILE A 42 -19.82 23.46 -17.49
C ILE A 42 -19.71 24.40 -16.28
N GLU A 43 -19.09 25.57 -16.39
CA GLU A 43 -19.12 26.63 -15.38
C GLU A 43 -20.34 26.55 -14.46
N THR A 44 -21.52 26.36 -15.05
CA THR A 44 -22.75 26.78 -14.34
C THR A 44 -23.08 25.82 -13.22
N SER A 45 -22.86 24.53 -13.44
CA SER A 45 -22.74 23.50 -12.35
C SER A 45 -21.91 23.93 -11.12
N TYR A 46 -20.87 24.70 -11.32
CA TYR A 46 -20.14 25.16 -10.18
C TYR A 46 -20.65 26.46 -9.62
N THR A 47 -21.14 27.31 -10.52
CA THR A 47 -21.46 28.72 -10.12
C THR A 47 -22.90 28.86 -9.62
N LYS A 48 -23.83 28.07 -10.17
CA LYS A 48 -25.27 28.26 -9.93
C LYS A 48 -25.93 26.84 -9.79
N ALA A 49 -25.25 25.89 -9.14
CA ALA A 49 -25.82 24.58 -8.82
C ALA A 49 -26.55 23.91 -9.96
N ASP A 50 -26.16 24.19 -11.19
CA ASP A 50 -27.01 23.76 -12.29
C ASP A 50 -26.51 22.46 -12.83
N ASN A 51 -27.23 21.38 -12.59
CA ASN A 51 -26.72 20.08 -13.10
C ASN A 51 -27.12 19.66 -14.52
N SER A 52 -27.86 20.52 -15.24
CA SER A 52 -28.46 20.08 -16.53
C SER A 52 -27.38 19.98 -17.57
N VAL A 53 -26.26 20.67 -17.29
CA VAL A 53 -24.96 20.52 -17.99
C VAL A 53 -24.04 19.37 -17.51
N ILE A 54 -24.49 18.51 -16.60
CA ILE A 54 -23.65 17.44 -16.05
C ILE A 54 -24.09 16.10 -16.53
N VAL A 55 -23.18 15.45 -17.25
CA VAL A 55 -23.34 14.13 -17.76
C VAL A 55 -22.93 13.31 -16.54
N ALA A 56 -23.81 12.56 -15.87
CA ALA A 56 -23.40 11.89 -14.59
C ALA A 56 -22.17 10.94 -14.72
N THR A 57 -21.31 10.90 -13.70
CA THR A 57 -20.06 10.14 -13.74
C THR A 57 -20.42 8.68 -13.97
N ASP A 58 -21.45 8.23 -13.22
CA ASP A 58 -22.12 6.96 -13.51
C ASP A 58 -22.35 6.65 -14.99
N SER A 59 -22.79 7.65 -15.73
CA SER A 59 -23.04 7.39 -17.13
C SER A 59 -21.72 7.37 -17.89
N ILE A 60 -20.74 8.16 -17.41
CA ILE A 60 -19.38 7.96 -17.97
C ILE A 60 -18.98 6.45 -17.81
N LYS A 61 -19.29 5.90 -16.62
CA LYS A 61 -18.93 4.52 -16.32
C LYS A 61 -19.62 3.57 -17.26
N ASN A 62 -20.95 3.73 -17.39
CA ASN A 62 -21.69 2.95 -18.38
C ASN A 62 -21.15 2.96 -19.77
N THR A 63 -20.81 4.18 -20.19
CA THR A 63 -20.14 4.37 -21.47
C THR A 63 -18.85 3.60 -21.64
N ILE A 64 -17.99 3.52 -20.61
CA ILE A 64 -16.76 2.70 -20.73
C ILE A 64 -17.18 1.29 -21.04
N TYR A 65 -18.13 0.77 -20.28
CA TYR A 65 -18.51 -0.63 -20.52
C TYR A 65 -19.04 -0.78 -21.90
N ILE A 66 -19.93 0.16 -22.26
CA ILE A 66 -20.55 0.01 -23.58
C ILE A 66 -19.56 0.08 -24.74
N THR A 67 -18.64 1.05 -24.66
CA THR A 67 -17.69 1.14 -25.72
C THR A 67 -16.85 -0.12 -25.76
N ALA A 68 -16.46 -0.66 -24.58
CA ALA A 68 -15.55 -1.81 -24.57
C ALA A 68 -16.21 -3.10 -25.19
N LYS A 69 -17.53 -3.11 -25.06
CA LYS A 69 -18.34 -4.14 -25.65
C LYS A 69 -18.30 -4.10 -27.17
N GLN A 70 -18.28 -2.90 -27.73
CA GLN A 70 -18.41 -2.72 -29.18
C GLN A 70 -17.15 -2.40 -29.93
N ASN A 71 -16.03 -2.40 -29.26
CA ASN A 71 -14.93 -2.00 -29.98
C ASN A 71 -13.77 -2.86 -29.60
N PRO A 72 -12.67 -2.83 -30.39
CA PRO A 72 -11.46 -3.50 -29.80
C PRO A 72 -11.03 -2.74 -28.50
N VAL A 73 -10.45 -3.43 -27.53
CA VAL A 73 -9.87 -2.74 -26.38
C VAL A 73 -8.38 -2.69 -26.55
N THR A 74 -7.90 -3.31 -27.61
CA THR A 74 -6.47 -3.37 -27.91
C THR A 74 -6.20 -2.74 -29.32
N PRO A 75 -5.08 -2.00 -29.51
CA PRO A 75 -4.13 -1.45 -28.53
C PRO A 75 -4.79 -0.35 -27.71
N PRO A 76 -4.27 -0.11 -26.49
CA PRO A 76 -5.04 0.79 -25.68
C PRO A 76 -5.03 2.24 -26.28
N GLU A 77 -3.99 2.61 -27.02
CA GLU A 77 -4.00 3.87 -27.77
C GLU A 77 -5.27 3.98 -28.62
N LEU A 78 -5.64 2.91 -29.37
CA LEU A 78 -6.83 2.93 -30.11
C LEU A 78 -8.01 3.20 -29.22
N PHE A 79 -8.20 2.33 -28.24
CA PHE A 79 -9.43 2.35 -27.49
C PHE A 79 -9.61 3.66 -26.78
N GLY A 80 -8.52 4.29 -26.39
CA GLY A 80 -8.61 5.56 -25.67
C GLY A 80 -9.07 6.70 -26.56
N SER A 81 -8.53 6.69 -27.79
CA SER A 81 -8.98 7.53 -28.88
C SER A 81 -10.44 7.27 -29.19
N ILE A 82 -10.82 6.03 -29.50
CA ILE A 82 -12.26 5.79 -29.69
C ILE A 82 -13.08 6.35 -28.55
N LEU A 83 -12.61 6.11 -27.33
CA LEU A 83 -13.38 6.48 -26.13
C LEU A 83 -13.54 8.02 -25.84
N GLY A 84 -12.42 8.75 -25.87
CA GLY A 84 -12.45 10.18 -25.78
C GLY A 84 -13.18 10.80 -26.96
N THR A 85 -13.14 10.19 -28.11
CA THR A 85 -13.83 10.76 -29.28
C THR A 85 -15.37 10.67 -29.11
N HIS A 86 -15.89 9.49 -28.76
CA HIS A 86 -17.26 9.43 -28.39
C HIS A 86 -17.70 10.68 -27.54
N PHE A 87 -16.97 11.06 -26.50
CA PHE A 87 -17.48 12.15 -25.62
C PHE A 87 -17.62 13.50 -26.28
N ILE A 88 -16.63 13.97 -27.01
CA ILE A 88 -16.72 15.29 -27.59
C ILE A 88 -17.65 15.28 -28.83
N GLU A 89 -17.89 14.10 -29.46
CA GLU A 89 -18.76 13.94 -30.61
C GLU A 89 -20.17 13.91 -30.17
N LYS A 90 -20.51 13.16 -29.16
CA LYS A 90 -21.90 13.07 -28.75
C LYS A 90 -22.40 14.28 -27.86
N TYR A 91 -21.57 15.01 -27.15
CA TYR A 91 -22.11 16.14 -26.38
C TYR A 91 -21.68 17.48 -26.96
N ASN A 92 -22.64 18.36 -27.27
CA ASN A 92 -22.32 19.70 -27.81
C ASN A 92 -21.41 20.45 -26.94
N HIS A 93 -21.78 20.49 -25.65
CA HIS A 93 -21.04 21.31 -24.69
C HIS A 93 -19.74 20.70 -24.08
N ILE A 94 -19.31 19.55 -24.58
CA ILE A 94 -18.09 18.93 -24.15
C ILE A 94 -17.09 19.08 -25.28
N HIS A 95 -15.93 19.60 -24.91
CA HIS A 95 -14.88 20.05 -25.87
C HIS A 95 -13.50 19.39 -25.75
N ALA A 96 -13.37 18.63 -24.64
CA ALA A 96 -12.18 17.84 -24.25
C ALA A 96 -12.63 16.62 -23.44
N ALA A 97 -12.03 15.50 -23.80
CA ALA A 97 -12.03 14.30 -22.99
C ALA A 97 -10.55 13.87 -22.71
N HIS A 98 -10.22 13.58 -21.44
CA HIS A 98 -8.91 13.01 -21.08
C HIS A 98 -9.08 11.57 -20.60
N VAL A 99 -8.51 10.67 -21.33
CA VAL A 99 -8.70 9.32 -21.01
C VAL A 99 -7.40 8.69 -20.54
N ASN A 100 -7.41 8.10 -19.36
CA ASN A 100 -6.21 7.40 -18.90
C ASN A 100 -6.43 5.89 -18.80
N ILE A 101 -5.49 5.07 -19.28
CA ILE A 101 -5.72 3.64 -19.21
C ILE A 101 -4.45 2.98 -18.76
N VAL A 102 -4.57 2.08 -17.75
CA VAL A 102 -3.50 1.25 -17.20
C VAL A 102 -3.87 -0.19 -17.58
N CYS A 103 -2.93 -0.91 -18.18
CA CYS A 103 -3.17 -2.26 -18.61
C CYS A 103 -2.35 -3.15 -17.74
N HIS A 104 -3.00 -4.16 -17.20
CA HIS A 104 -2.43 -5.09 -16.26
C HIS A 104 -1.99 -6.28 -17.04
N ARG A 105 -0.84 -6.89 -16.73
CA ARG A 105 -0.41 -8.15 -17.46
C ARG A 105 -1.16 -9.44 -17.10
N TRP A 106 -1.66 -10.16 -18.09
CA TRP A 106 -2.16 -11.50 -17.98
C TRP A 106 -1.43 -12.25 -19.07
N THR A 107 -0.25 -12.74 -18.79
CA THR A 107 0.52 -13.52 -19.74
C THR A 107 0.04 -14.98 -19.72
N ARG A 108 0.06 -15.60 -20.89
CA ARG A 108 -0.49 -16.95 -21.12
C ARG A 108 0.39 -17.94 -20.36
N MET A 109 -0.19 -18.87 -19.61
CA MET A 109 0.67 -19.91 -18.98
C MET A 109 1.31 -20.97 -19.92
N ASP A 110 2.54 -21.35 -19.62
CA ASP A 110 3.17 -22.47 -20.28
C ASP A 110 3.04 -23.74 -19.44
N ILE A 111 2.23 -24.71 -19.90
CA ILE A 111 2.03 -25.94 -19.15
C ILE A 111 2.74 -27.00 -19.95
N ASP A 112 3.92 -27.44 -19.47
CA ASP A 112 4.71 -28.44 -20.17
C ASP A 112 5.18 -27.87 -21.51
N GLY A 113 5.75 -26.66 -21.47
CA GLY A 113 6.01 -25.86 -22.67
C GLY A 113 4.98 -25.96 -23.82
N LYS A 114 3.68 -26.02 -23.56
CA LYS A 114 2.65 -25.66 -24.57
C LYS A 114 1.94 -24.39 -24.10
N PRO A 115 1.83 -23.36 -24.94
CA PRO A 115 0.98 -22.25 -24.50
C PRO A 115 -0.43 -22.76 -24.19
N HIS A 116 -1.05 -22.29 -23.10
CA HIS A 116 -2.37 -22.75 -22.67
C HIS A 116 -3.59 -21.95 -23.15
N PRO A 117 -4.61 -22.63 -23.60
CA PRO A 117 -5.74 -21.95 -24.23
C PRO A 117 -6.43 -20.88 -23.38
N HIS A 118 -6.40 -21.05 -22.06
CA HIS A 118 -7.21 -20.16 -21.18
C HIS A 118 -6.72 -19.90 -19.73
N SER A 119 -5.42 -19.97 -19.51
CA SER A 119 -4.92 -19.58 -18.18
C SER A 119 -3.81 -18.62 -18.29
N PHE A 120 -3.76 -17.75 -17.31
CA PHE A 120 -2.86 -16.64 -17.33
C PHE A 120 -2.28 -16.40 -15.97
N ILE A 121 -1.10 -15.81 -15.97
CA ILE A 121 -0.47 -15.47 -14.74
C ILE A 121 -0.14 -13.96 -14.80
N ARG A 122 -0.25 -13.23 -13.68
CA ARG A 122 0.21 -11.85 -13.52
C ARG A 122 1.70 -12.02 -13.37
N ASP A 123 2.40 -12.03 -14.49
CA ASP A 123 3.81 -12.30 -14.38
C ASP A 123 4.58 -11.04 -14.04
N SER A 124 3.98 -9.88 -13.77
CA SER A 124 4.80 -8.77 -13.26
C SER A 124 3.92 -7.66 -12.79
N GLU A 125 4.36 -6.84 -11.89
CA GLU A 125 3.57 -5.63 -11.68
C GLU A 125 3.78 -4.53 -12.77
N GLU A 126 4.66 -4.74 -13.77
CA GLU A 126 4.87 -3.75 -14.77
C GLU A 126 3.55 -3.36 -15.53
N LYS A 127 3.37 -2.08 -15.76
CA LYS A 127 2.19 -1.63 -16.50
C LYS A 127 2.52 -1.09 -17.93
N ARG A 128 1.52 -1.20 -18.81
CA ARG A 128 1.54 -0.46 -20.08
C ARG A 128 0.46 0.60 -19.96
N ASN A 129 0.76 1.85 -20.25
CA ASN A 129 -0.30 2.80 -20.06
C ASN A 129 -0.50 3.75 -21.20
N VAL A 130 -1.69 4.33 -21.38
CA VAL A 130 -1.82 5.53 -22.24
C VAL A 130 -2.48 6.70 -21.57
N GLN A 131 -2.02 7.88 -21.94
CA GLN A 131 -2.80 9.09 -21.76
C GLN A 131 -3.30 9.60 -23.12
N VAL A 132 -4.57 9.81 -23.22
CA VAL A 132 -5.13 10.20 -24.52
C VAL A 132 -5.92 11.49 -24.38
N ASP A 133 -5.45 12.53 -25.05
CA ASP A 133 -6.22 13.78 -24.98
C ASP A 133 -7.01 14.08 -26.28
N VAL A 134 -8.32 14.17 -26.19
CA VAL A 134 -9.12 14.47 -27.37
C VAL A 134 -9.72 15.85 -27.15
N VAL A 135 -9.15 16.86 -27.82
CA VAL A 135 -9.66 18.23 -27.79
C VAL A 135 -10.34 18.61 -29.11
N GLU A 136 -11.54 19.17 -29.02
CA GLU A 136 -12.30 19.56 -30.20
C GLU A 136 -11.60 20.57 -30.98
N GLY A 137 -11.42 20.28 -32.28
CA GLY A 137 -10.68 21.14 -33.18
C GLY A 137 -9.15 21.04 -33.04
N LYS A 138 -8.68 20.33 -32.00
CA LYS A 138 -7.26 20.01 -31.94
C LYS A 138 -6.94 18.55 -32.26
N GLY A 139 -7.91 17.68 -32.56
CA GLY A 139 -7.57 16.24 -32.73
C GLY A 139 -7.15 15.49 -31.42
N ILE A 140 -6.21 14.54 -31.57
CA ILE A 140 -5.85 13.56 -30.54
C ILE A 140 -4.38 13.50 -30.13
N ASP A 141 -4.04 13.89 -28.90
CA ASP A 141 -2.69 13.65 -28.37
C ASP A 141 -2.60 12.42 -27.50
N ILE A 142 -1.63 11.58 -27.84
CA ILE A 142 -1.39 10.35 -27.15
C ILE A 142 0.05 10.26 -26.69
N LYS A 143 0.20 10.14 -25.35
CA LYS A 143 1.40 9.75 -24.58
C LYS A 143 1.28 8.24 -24.26
N SER A 144 2.16 7.43 -24.76
CA SER A 144 2.16 6.03 -24.47
C SER A 144 3.27 5.80 -23.44
N SER A 145 3.14 4.80 -22.55
CA SER A 145 4.29 4.48 -21.62
C SER A 145 4.32 3.14 -20.98
N LEU A 146 5.48 2.88 -20.37
CA LEU A 146 5.66 1.68 -19.53
C LEU A 146 6.11 2.12 -18.13
N SER A 147 5.54 1.47 -17.13
CA SER A 147 6.03 1.78 -15.84
C SER A 147 6.09 0.59 -14.92
N GLY A 148 6.84 0.73 -13.85
CA GLY A 148 6.85 -0.31 -12.85
C GLY A 148 7.77 -1.39 -13.30
N LEU A 149 8.72 -1.07 -14.15
CA LEU A 149 9.66 -2.03 -14.59
C LEU A 149 10.80 -1.88 -13.66
N THR A 150 11.25 -2.94 -12.99
CA THR A 150 12.31 -2.73 -11.90
C THR A 150 13.48 -3.57 -12.23
N VAL A 151 14.70 -3.02 -12.24
CA VAL A 151 15.82 -3.81 -12.73
C VAL A 151 16.96 -3.58 -11.84
N LEU A 152 17.98 -4.42 -11.93
CA LEU A 152 19.11 -4.26 -11.09
C LEU A 152 20.35 -4.77 -11.88
N LYS A 153 21.50 -4.12 -11.79
CA LYS A 153 22.67 -4.86 -12.23
C LYS A 153 23.76 -4.77 -11.18
N SER A 154 24.50 -5.85 -10.98
CA SER A 154 25.41 -5.96 -9.82
C SER A 154 26.75 -5.39 -10.07
N THR A 155 27.05 -5.00 -11.31
CA THR A 155 28.36 -4.36 -11.56
C THR A 155 28.29 -3.60 -12.84
N ASN A 156 29.42 -3.08 -13.30
CA ASN A 156 29.44 -2.25 -14.56
C ASN A 156 28.63 -0.99 -14.36
N SER A 157 28.86 -0.32 -13.24
CA SER A 157 28.29 0.95 -13.02
C SER A 157 29.28 1.67 -12.17
N GLN A 158 29.55 2.92 -12.53
CA GLN A 158 30.44 3.64 -11.67
C GLN A 158 29.88 4.97 -11.33
N PHE A 159 30.51 5.62 -10.36
CA PHE A 159 30.12 6.97 -10.19
C PHE A 159 31.25 7.74 -9.64
N TRP A 160 31.81 8.60 -10.49
CA TRP A 160 32.94 9.37 -10.03
C TRP A 160 33.00 10.69 -10.81
N GLY A 161 33.86 11.61 -10.34
CA GLY A 161 34.12 12.87 -11.02
C GLY A 161 32.98 13.87 -11.02
N PHE A 162 32.02 13.73 -10.09
CA PHE A 162 30.99 14.71 -9.81
C PHE A 162 31.55 15.80 -8.90
N LEU A 163 30.74 16.79 -8.61
CA LEU A 163 31.29 17.98 -8.03
C LEU A 163 31.51 17.86 -6.54
N ARG A 164 32.60 18.38 -6.04
CA ARG A 164 32.83 18.14 -4.62
C ARG A 164 32.97 19.47 -3.88
N ASP A 165 32.16 19.74 -2.84
CA ASP A 165 32.26 20.97 -2.07
C ASP A 165 32.15 20.57 -0.64
N GLU A 166 31.74 21.49 0.23
CA GLU A 166 31.78 21.23 1.67
C GLU A 166 30.43 20.65 2.13
N TYR A 167 29.56 20.41 1.15
CA TYR A 167 28.37 19.62 1.31
C TYR A 167 28.55 18.17 0.86
N THR A 168 29.75 17.77 0.43
CA THR A 168 29.88 16.48 -0.20
C THR A 168 30.56 15.58 0.74
N THR A 169 30.10 14.34 0.83
CA THR A 169 30.81 13.36 1.62
C THR A 169 30.86 12.07 0.79
N LEU A 170 30.15 12.00 -0.34
CA LEU A 170 30.08 10.75 -1.01
C LEU A 170 31.46 10.32 -1.62
N LYS A 171 31.90 9.10 -1.29
CA LYS A 171 33.19 8.51 -1.80
C LYS A 171 32.92 8.13 -3.28
N GLU A 172 33.94 8.28 -4.15
CA GLU A 172 33.78 8.04 -5.58
C GLU A 172 33.94 6.59 -5.76
N THR A 173 33.32 6.02 -6.77
CA THR A 173 33.34 4.59 -6.85
C THR A 173 33.40 4.07 -8.29
N TRP A 174 34.12 2.97 -8.44
CA TRP A 174 34.42 2.39 -9.77
C TRP A 174 33.73 1.06 -10.05
N ASP A 175 33.11 0.47 -9.04
CA ASP A 175 32.19 -0.70 -9.18
C ASP A 175 31.09 -0.48 -8.12
N ARG A 176 29.83 -0.39 -8.55
CA ARG A 176 28.69 -0.29 -7.62
C ARG A 176 27.45 -1.00 -8.19
N ILE A 177 26.46 -1.28 -7.32
CA ILE A 177 25.16 -1.78 -7.77
C ILE A 177 24.34 -0.64 -8.43
N LEU A 178 23.62 -0.87 -9.50
CA LEU A 178 22.65 0.10 -10.03
C LEU A 178 21.27 -0.50 -10.13
N SER A 179 20.34 0.06 -9.38
CA SER A 179 19.00 -0.48 -9.46
C SER A 179 18.03 0.70 -9.58
N THR A 180 16.95 0.49 -10.28
CA THR A 180 16.05 1.60 -10.49
C THR A 180 14.72 1.07 -10.96
N ASP A 181 13.65 1.80 -10.73
CA ASP A 181 12.40 1.44 -11.49
C ASP A 181 12.41 2.34 -12.68
N VAL A 182 11.74 1.97 -13.75
CA VAL A 182 11.88 2.72 -14.97
C VAL A 182 10.47 3.05 -15.34
N ASP A 183 10.30 4.31 -15.52
CA ASP A 183 9.08 4.86 -16.04
C ASP A 183 9.48 5.57 -17.37
N ALA A 184 8.95 5.09 -18.49
CA ALA A 184 9.35 5.64 -19.84
C ALA A 184 8.14 6.00 -20.66
N THR A 185 8.20 7.21 -21.22
CA THR A 185 7.04 7.81 -21.98
C THR A 185 7.42 8.31 -23.37
N TRP A 186 6.65 7.89 -24.32
CA TRP A 186 6.89 8.35 -25.66
C TRP A 186 5.70 9.08 -26.13
N GLN A 187 5.94 10.27 -26.64
CA GLN A 187 4.84 11.07 -27.04
C GLN A 187 4.54 11.14 -28.58
N TRP A 188 3.38 10.67 -29.03
CA TRP A 188 3.07 10.75 -30.44
C TRP A 188 2.80 12.16 -30.97
N LYS A 189 3.34 12.39 -32.17
CA LYS A 189 2.92 13.49 -33.05
C LYS A 189 1.40 13.55 -33.03
N ASN A 190 0.84 14.76 -32.90
CA ASN A 190 -0.58 14.98 -32.85
C ASN A 190 -1.36 14.23 -33.91
N PHE A 191 -2.45 13.53 -33.62
CA PHE A 191 -3.24 12.93 -34.72
C PHE A 191 -4.42 13.82 -35.03
N SER A 192 -5.05 13.67 -36.17
CA SER A 192 -6.09 14.66 -36.50
C SER A 192 -7.45 14.14 -36.14
N GLY A 193 -7.58 12.84 -35.89
CA GLY A 193 -8.87 12.33 -35.48
C GLY A 193 -8.79 10.84 -35.64
N LEU A 194 -9.92 10.21 -35.43
CA LEU A 194 -9.98 8.81 -35.28
C LEU A 194 -9.40 8.09 -36.46
N GLN A 195 -9.64 8.62 -37.67
CA GLN A 195 -9.15 7.94 -38.85
C GLN A 195 -7.64 7.84 -38.90
N GLU A 196 -6.97 8.98 -38.73
CA GLU A 196 -5.51 8.97 -38.75
C GLU A 196 -4.94 7.91 -37.74
N VAL A 197 -5.48 7.95 -36.49
CA VAL A 197 -5.14 6.98 -35.45
C VAL A 197 -5.34 5.56 -36.02
N ARG A 198 -6.52 5.19 -36.49
CA ARG A 198 -6.67 3.82 -36.99
C ARG A 198 -5.67 3.36 -37.97
N SER A 199 -5.27 4.24 -38.89
CA SER A 199 -4.38 3.78 -40.00
C SER A 199 -2.99 3.49 -39.44
N HIS A 200 -2.74 4.03 -38.25
CA HIS A 200 -1.53 3.69 -37.54
C HIS A 200 -1.57 2.55 -36.49
N VAL A 201 -2.74 1.97 -36.25
CA VAL A 201 -2.87 0.89 -35.31
C VAL A 201 -1.59 0.05 -35.12
N PRO A 202 -1.09 -0.68 -36.14
CA PRO A 202 0.03 -1.59 -35.76
C PRO A 202 1.38 -0.97 -35.29
N LYS A 203 1.55 0.34 -35.42
CA LYS A 203 2.75 1.05 -34.89
C LYS A 203 2.81 1.04 -33.32
N PHE A 204 1.62 0.88 -32.70
CA PHE A 204 1.47 1.03 -31.27
C PHE A 204 2.11 -0.10 -30.45
N ASP A 205 1.62 -1.31 -30.60
CA ASP A 205 2.30 -2.47 -30.06
C ASP A 205 3.78 -2.54 -30.42
N ALA A 206 4.11 -2.40 -31.71
CA ALA A 206 5.49 -2.42 -32.17
C ALA A 206 6.38 -1.37 -31.40
N THR A 207 5.81 -0.21 -31.14
CA THR A 207 6.63 0.79 -30.50
C THR A 207 6.84 0.50 -29.03
N TRP A 208 5.78 0.05 -28.36
CA TRP A 208 5.87 -0.34 -26.97
C TRP A 208 6.93 -1.45 -26.89
N ALA A 209 6.86 -2.39 -27.85
CA ALA A 209 7.87 -3.49 -27.85
C ALA A 209 9.31 -3.00 -27.91
N THR A 210 9.54 -2.04 -28.77
CA THR A 210 10.86 -1.49 -28.96
C THR A 210 11.33 -0.70 -27.76
N ALA A 211 10.41 0.04 -27.14
CA ALA A 211 10.84 0.88 -26.04
C ALA A 211 11.30 -0.05 -24.89
N ARG A 212 10.57 -1.15 -24.74
CA ARG A 212 10.93 -2.07 -23.72
C ARG A 212 12.26 -2.67 -23.95
N GLU A 213 12.41 -3.21 -25.15
CA GLU A 213 13.62 -3.87 -25.49
C GLU A 213 14.84 -2.95 -25.52
N VAL A 214 14.68 -1.74 -26.06
CA VAL A 214 15.76 -0.83 -25.97
C VAL A 214 16.13 -0.53 -24.49
N THR A 215 15.11 -0.52 -23.60
CA THR A 215 15.40 -0.11 -22.27
C THR A 215 16.26 -1.17 -21.53
N LEU A 216 15.79 -2.41 -21.60
CA LEU A 216 16.48 -3.47 -21.00
C LEU A 216 17.89 -3.64 -21.58
N LYS A 217 18.01 -3.68 -22.92
CA LYS A 217 19.28 -3.96 -23.54
C LYS A 217 20.30 -2.84 -23.19
N THR A 218 19.86 -1.57 -23.29
CA THR A 218 20.78 -0.52 -22.98
C THR A 218 21.22 -0.55 -21.54
N PHE A 219 20.27 -0.72 -20.63
CA PHE A 219 20.63 -0.91 -19.25
C PHE A 219 21.57 -2.07 -19.01
N ALA A 220 21.34 -3.24 -19.63
CA ALA A 220 22.23 -4.34 -19.37
C ALA A 220 23.63 -4.12 -19.96
N GLU A 221 23.69 -3.62 -21.19
CA GLU A 221 25.00 -3.48 -21.89
C GLU A 221 25.84 -2.27 -21.53
N ASP A 222 25.21 -1.18 -21.10
CA ASP A 222 25.93 0.01 -21.02
C ASP A 222 26.75 0.03 -19.80
N ASN A 223 28.07 0.17 -19.91
CA ASN A 223 28.95 0.24 -18.73
C ASN A 223 29.22 1.69 -18.41
N SER A 224 28.24 2.39 -17.87
CA SER A 224 28.41 3.87 -17.76
C SER A 224 28.74 4.39 -16.36
N ALA A 225 29.21 5.64 -16.28
CA ALA A 225 29.46 6.23 -15.01
C ALA A 225 28.46 7.35 -14.79
N SER A 226 27.44 7.36 -15.65
CA SER A 226 26.39 8.34 -15.49
C SER A 226 25.07 7.73 -15.89
N VAL A 227 24.14 7.79 -14.93
CA VAL A 227 22.81 7.30 -15.26
C VAL A 227 22.18 8.15 -16.39
N GLN A 228 22.50 9.45 -16.38
CA GLN A 228 21.96 10.40 -17.34
C GLN A 228 22.23 9.96 -18.71
N ALA A 229 23.51 9.62 -18.90
CA ALA A 229 24.01 9.25 -20.22
C ALA A 229 23.36 7.96 -20.68
N THR A 230 23.18 7.00 -19.75
CA THR A 230 22.41 5.80 -20.13
C THR A 230 21.03 6.10 -20.60
N MET A 231 20.29 6.99 -19.91
CA MET A 231 18.89 7.32 -20.24
C MET A 231 18.79 7.95 -21.61
N TYR A 232 19.72 8.89 -21.86
CA TYR A 232 19.81 9.58 -23.11
C TYR A 232 20.06 8.57 -24.24
N LYS A 233 21.06 7.67 -24.14
CA LYS A 233 21.16 6.61 -25.13
C LYS A 233 19.87 5.90 -25.40
N MET A 234 19.15 5.58 -24.36
CA MET A 234 17.89 4.85 -24.56
C MET A 234 16.96 5.71 -25.40
N ALA A 235 16.98 7.04 -25.20
CA ALA A 235 15.98 7.84 -25.81
C ALA A 235 16.29 8.04 -27.33
N GLU A 236 17.57 8.29 -27.69
CA GLU A 236 18.00 8.40 -29.10
C GLU A 236 17.52 7.24 -29.88
N GLN A 237 17.82 6.06 -29.38
CA GLN A 237 17.47 4.90 -30.14
C GLN A 237 15.98 4.78 -30.26
N ILE A 238 15.22 5.34 -29.34
CA ILE A 238 13.80 5.15 -29.51
C ILE A 238 13.29 6.05 -30.62
N LEU A 239 13.78 7.29 -30.64
CA LEU A 239 13.50 8.26 -31.67
C LEU A 239 14.00 7.82 -33.05
N ALA A 240 15.27 7.46 -33.19
CA ALA A 240 15.75 6.80 -34.40
C ALA A 240 14.82 5.68 -34.91
N ARG A 241 14.07 5.01 -34.07
CA ARG A 241 13.33 3.84 -34.58
C ARG A 241 11.93 4.11 -34.90
N GLN A 242 11.45 5.28 -34.59
CA GLN A 242 10.04 5.48 -34.85
C GLN A 242 9.81 6.95 -34.96
N GLN A 243 9.78 7.33 -36.23
CA GLN A 243 9.50 8.67 -36.81
C GLN A 243 8.32 9.48 -36.23
N LEU A 244 7.20 8.80 -36.07
CA LEU A 244 6.03 9.39 -35.51
C LEU A 244 6.09 9.85 -34.00
N ILE A 245 7.13 9.50 -33.22
CA ILE A 245 7.30 9.94 -31.82
C ILE A 245 7.94 11.34 -31.79
N GLU A 246 7.42 12.27 -31.00
CA GLU A 246 8.09 13.52 -30.88
C GLU A 246 9.14 13.63 -29.78
N THR A 247 8.76 13.18 -28.58
CA THR A 247 9.66 13.18 -27.46
C THR A 247 9.58 11.88 -26.75
N VAL A 248 10.64 11.65 -25.94
CA VAL A 248 10.74 10.46 -25.11
C VAL A 248 11.14 10.95 -23.73
N GLU A 249 10.49 10.36 -22.73
CA GLU A 249 10.68 10.89 -21.41
C GLU A 249 10.99 9.75 -20.43
N TYR A 250 11.96 9.96 -19.57
CA TYR A 250 12.42 8.87 -18.74
C TYR A 250 12.39 9.39 -17.34
N SER A 251 11.80 8.62 -16.43
CA SER A 251 11.84 8.98 -15.03
C SER A 251 12.47 7.80 -14.32
N LEU A 252 13.66 7.98 -13.78
CA LEU A 252 14.38 6.89 -13.14
C LEU A 252 14.59 7.15 -11.64
N PRO A 253 13.70 6.55 -10.80
CA PRO A 253 13.80 6.61 -9.32
C PRO A 253 14.80 5.61 -8.92
N ASN A 254 16.02 5.98 -8.65
CA ASN A 254 16.88 4.87 -8.51
C ASN A 254 17.18 4.46 -7.03
N LYS A 255 17.39 3.17 -6.73
CA LYS A 255 17.39 2.61 -5.38
C LYS A 255 18.75 2.23 -4.92
N HIS A 256 19.18 2.71 -3.76
CA HIS A 256 20.52 2.46 -3.28
C HIS A 256 20.82 1.21 -2.52
N TYR A 257 21.99 0.64 -2.73
CA TYR A 257 22.39 -0.47 -1.92
C TYR A 257 23.65 -0.10 -1.13
N PHE A 258 23.60 0.04 0.19
CA PHE A 258 24.83 0.49 0.82
C PHE A 258 25.75 -0.68 1.20
N GLU A 259 27.07 -0.43 1.25
CA GLU A 259 28.07 -1.36 1.77
C GLU A 259 27.84 -1.45 3.22
N ILE A 260 28.19 -2.57 3.84
CA ILE A 260 28.06 -2.70 5.25
C ILE A 260 29.49 -2.95 5.70
N ASP A 261 30.09 -2.01 6.39
CA ASP A 261 31.37 -2.27 7.05
C ASP A 261 31.31 -3.28 8.19
N LEU A 262 32.01 -4.38 8.09
CA LEU A 262 31.99 -5.37 9.18
C LEU A 262 33.37 -5.62 9.88
N SER A 263 34.30 -4.69 9.65
CA SER A 263 35.66 -4.88 10.08
C SER A 263 35.74 -4.86 11.60
N TRP A 264 34.96 -4.00 12.29
CA TRP A 264 34.87 -4.07 13.77
C TRP A 264 34.53 -5.49 14.24
N HIS A 265 34.17 -6.41 13.37
CA HIS A 265 33.90 -7.75 13.89
C HIS A 265 34.91 -8.77 13.33
N LYS A 266 35.84 -9.19 14.21
CA LYS A 266 36.93 -10.10 13.84
C LYS A 266 37.63 -9.64 12.55
N GLY A 267 37.76 -8.32 12.37
CA GLY A 267 38.32 -7.78 11.12
C GLY A 267 37.72 -8.41 9.88
N LEU A 268 36.42 -8.63 9.82
CA LEU A 268 35.81 -9.22 8.63
C LEU A 268 35.77 -8.22 7.44
N GLN A 269 36.00 -8.74 6.24
CA GLN A 269 36.22 -7.90 5.04
C GLN A 269 34.98 -7.90 4.15
N ASN A 270 34.31 -6.74 4.11
CA ASN A 270 33.07 -6.68 3.36
C ASN A 270 32.90 -5.42 2.55
N THR A 271 33.97 -4.64 2.43
CA THR A 271 33.96 -3.39 1.69
C THR A 271 34.75 -3.42 0.37
N GLY A 272 34.63 -2.35 -0.40
CA GLY A 272 35.14 -2.30 -1.77
C GLY A 272 35.17 -3.61 -2.52
N LYS A 273 36.34 -4.00 -2.91
CA LYS A 273 36.59 -5.22 -3.69
C LYS A 273 36.00 -6.50 -3.01
N ASN A 274 35.92 -6.45 -1.68
CA ASN A 274 35.42 -7.58 -0.92
C ASN A 274 33.95 -7.53 -0.56
N ALA A 275 33.21 -6.52 -1.06
CA ALA A 275 31.81 -6.36 -0.76
C ALA A 275 30.94 -7.60 -1.19
N GLU A 276 30.29 -8.30 -0.24
CA GLU A 276 29.31 -9.23 -0.76
C GLU A 276 27.91 -9.12 -0.22
N VAL A 277 27.83 -8.77 1.04
CA VAL A 277 26.57 -8.53 1.68
C VAL A 277 26.32 -7.03 1.76
N PHE A 278 25.13 -6.60 1.32
CA PHE A 278 24.80 -5.19 1.25
C PHE A 278 23.47 -4.84 1.87
N ALA A 279 23.31 -3.62 2.29
CA ALA A 279 21.96 -3.22 2.81
C ALA A 279 21.14 -2.30 1.84
N PRO A 280 20.06 -2.83 1.30
CA PRO A 280 19.22 -2.14 0.33
C PRO A 280 18.55 -1.08 1.11
N GLN A 281 18.49 0.15 0.68
CA GLN A 281 17.89 1.23 1.39
C GLN A 281 16.45 1.46 0.86
N SER A 282 15.42 1.40 1.71
CA SER A 282 14.06 1.77 1.26
C SER A 282 13.94 3.22 0.86
N ASP A 283 14.69 4.11 1.49
CA ASP A 283 14.63 5.54 1.14
C ASP A 283 15.81 6.16 1.87
N PRO A 284 16.22 7.39 1.51
CA PRO A 284 15.80 8.26 0.42
C PRO A 284 16.17 7.63 -0.92
N ASN A 285 15.83 8.21 -2.06
CA ASN A 285 16.44 7.73 -3.30
C ASN A 285 16.61 8.84 -4.34
N GLY A 286 17.58 8.63 -5.23
CA GLY A 286 17.95 9.63 -6.26
C GLY A 286 16.83 9.62 -7.25
N LEU A 287 16.61 10.67 -8.04
CA LEU A 287 15.54 10.64 -9.04
C LEU A 287 16.03 11.49 -10.21
N ILE A 288 15.98 10.89 -11.41
CA ILE A 288 16.61 11.46 -12.55
C ILE A 288 15.63 11.40 -13.65
N LYS A 289 15.52 12.53 -14.36
CA LYS A 289 14.53 12.76 -15.38
C LYS A 289 15.12 13.41 -16.67
N CYS A 290 14.55 13.09 -17.84
CA CYS A 290 14.62 13.96 -18.99
C CYS A 290 13.67 13.78 -20.14
N THR A 291 13.53 14.83 -20.95
CA THR A 291 12.72 14.72 -22.12
C THR A 291 13.69 14.95 -23.21
N VAL A 292 13.67 14.05 -24.19
CA VAL A 292 14.56 14.14 -25.33
C VAL A 292 13.66 14.31 -26.54
N GLY A 293 13.99 15.30 -27.39
CA GLY A 293 13.32 15.39 -28.72
C GLY A 293 14.30 15.41 -29.87
N ARG A 294 13.78 15.70 -31.06
CA ARG A 294 14.64 15.82 -32.22
C ARG A 294 15.08 17.31 -32.37
N SER A 295 16.38 17.58 -32.66
CA SER A 295 16.89 19.00 -33.00
C SER A 295 16.53 19.51 -34.44
N SER A 296 16.33 20.83 -34.62
N ALA B 2 18.32 15.91 -28.89
CA ALA B 2 18.65 16.97 -27.97
C ALA B 2 17.73 16.96 -26.72
N VAL B 3 18.25 17.55 -25.66
CA VAL B 3 17.64 17.47 -24.40
C VAL B 3 16.66 18.59 -24.30
N LYS B 4 15.33 18.34 -24.33
CA LYS B 4 14.36 19.46 -24.13
C LYS B 4 14.15 19.90 -22.66
N ALA B 5 14.46 19.09 -21.62
CA ALA B 5 13.99 19.31 -20.24
C ALA B 5 14.75 18.30 -19.42
N ALA B 6 15.23 18.70 -18.27
CA ALA B 6 15.99 17.76 -17.50
C ALA B 6 15.89 18.23 -16.06
N ARG B 7 15.85 17.30 -15.09
CA ARG B 7 15.62 17.62 -13.69
C ARG B 7 16.23 16.46 -12.95
N TYR B 8 16.89 16.71 -11.86
CA TYR B 8 17.29 15.59 -11.12
C TYR B 8 17.50 15.97 -9.65
N GLY B 9 17.61 14.96 -8.81
CA GLY B 9 17.72 15.33 -7.37
C GLY B 9 17.43 14.19 -6.42
N LYS B 10 16.99 14.54 -5.21
CA LYS B 10 16.73 13.51 -4.17
C LYS B 10 15.25 13.38 -3.76
N ASP B 11 14.67 12.19 -3.83
CA ASP B 11 13.34 12.13 -3.27
C ASP B 11 13.32 11.39 -1.92
N ASN B 12 12.18 11.52 -1.20
CA ASN B 12 11.90 10.79 0.04
C ASN B 12 12.95 10.88 1.11
N VAL B 13 13.36 12.09 1.43
CA VAL B 13 14.31 12.34 2.47
C VAL B 13 13.49 12.68 3.70
N ARG B 14 13.43 11.70 4.63
CA ARG B 14 12.68 11.82 5.84
C ARG B 14 13.50 12.74 6.75
N VAL B 15 12.85 13.80 7.28
CA VAL B 15 13.46 14.66 8.24
C VAL B 15 12.63 14.88 9.54
N TYR B 16 13.30 14.83 10.69
CA TYR B 16 12.64 15.12 11.97
C TYR B 16 13.44 16.19 12.66
N LYS B 17 12.77 17.19 13.21
CA LYS B 17 13.44 18.16 14.04
C LYS B 17 12.61 18.43 15.28
N VAL B 18 13.33 18.44 16.38
CA VAL B 18 12.77 18.77 17.68
C VAL B 18 13.16 20.19 18.08
N HIS B 19 12.18 20.88 18.65
CA HIS B 19 12.42 22.10 19.35
C HIS B 19 12.24 21.95 20.90
N LYS B 20 13.27 22.29 21.67
CA LYS B 20 13.27 22.22 23.18
C LYS B 20 13.09 23.61 23.80
N ASP B 21 12.04 23.84 24.58
CA ASP B 21 11.97 25.11 25.29
C ASP B 21 12.64 25.09 26.68
N GLU B 22 13.78 25.75 26.71
CA GLU B 22 14.38 26.41 27.86
C GLU B 22 13.67 26.39 29.27
N LYS B 23 12.76 27.38 29.38
CA LYS B 23 12.04 27.75 30.57
C LYS B 23 11.12 26.61 30.90
N THR B 24 10.14 26.47 29.99
CA THR B 24 8.93 25.70 30.17
C THR B 24 9.19 24.23 30.12
N GLY B 25 10.33 23.79 29.59
CA GLY B 25 10.52 22.37 29.19
C GLY B 25 9.53 21.70 28.18
N VAL B 26 8.61 22.47 27.58
CA VAL B 26 7.80 21.97 26.45
C VAL B 26 8.63 21.73 25.13
N GLN B 27 8.49 20.52 24.58
CA GLN B 27 9.19 20.20 23.32
C GLN B 27 8.21 20.21 22.16
N THR B 28 8.68 20.57 20.95
CA THR B 28 7.80 20.43 19.78
C THR B 28 8.48 19.61 18.63
N VAL B 29 7.75 18.68 18.06
CA VAL B 29 8.31 17.91 16.97
C VAL B 29 7.79 18.29 15.62
N TYR B 30 8.69 18.28 14.65
CA TYR B 30 8.30 18.42 13.18
C TYR B 30 8.84 17.25 12.35
N GLU B 31 8.02 16.65 11.53
CA GLU B 31 8.59 15.59 10.74
C GLU B 31 8.04 15.79 9.31
N MET B 32 8.94 15.71 8.30
CA MET B 32 8.55 15.82 6.91
C MET B 32 9.24 14.85 6.01
N THR B 33 8.68 14.76 4.81
CA THR B 33 9.36 14.08 3.73
C THR B 33 9.67 15.11 2.63
N VAL B 34 10.95 15.19 2.26
CA VAL B 34 11.37 16.30 1.39
C VAL B 34 11.86 15.78 0.09
N CYS B 35 11.46 16.43 -0.99
CA CYS B 35 11.97 16.08 -2.32
C CYS B 35 12.61 17.35 -2.93
N VAL B 36 13.84 17.30 -3.40
CA VAL B 36 14.43 18.50 -4.08
C VAL B 36 14.93 18.12 -5.47
N LEU B 37 14.37 18.71 -6.54
CA LEU B 37 14.92 18.57 -7.93
C LEU B 37 15.60 19.84 -8.49
N LEU B 38 16.77 19.69 -9.17
CA LEU B 38 17.55 20.82 -9.74
C LEU B 38 17.42 20.84 -11.24
N GLU B 39 17.30 22.05 -11.80
CA GLU B 39 17.46 22.34 -13.26
C GLU B 39 18.65 23.26 -13.58
N GLY B 40 19.16 23.17 -14.79
CA GLY B 40 20.23 24.10 -15.12
C GLY B 40 21.10 23.61 -16.21
N GLU B 41 22.38 23.94 -16.12
CA GLU B 41 23.28 23.69 -17.26
C GLU B 41 23.98 22.40 -17.06
N ILE B 42 23.15 21.40 -17.27
CA ILE B 42 23.48 20.06 -16.89
C ILE B 42 23.34 19.16 -18.09
N GLU B 43 22.92 19.65 -19.27
CA GLU B 43 22.82 18.83 -20.53
C GLU B 43 23.98 17.84 -20.77
N THR B 44 25.22 18.26 -20.52
CA THR B 44 26.37 17.46 -20.92
C THR B 44 26.49 16.18 -20.05
N SER B 45 25.81 16.17 -18.91
CA SER B 45 25.82 14.95 -18.12
C SER B 45 25.05 13.91 -18.94
N TYR B 46 24.04 14.38 -19.71
CA TYR B 46 23.26 13.45 -20.57
C TYR B 46 23.96 13.06 -21.90
N THR B 47 24.65 14.01 -22.48
CA THR B 47 25.05 13.92 -23.90
C THR B 47 26.49 13.40 -23.96
N LYS B 48 27.31 13.66 -22.95
CA LYS B 48 28.71 13.39 -22.99
C LYS B 48 29.15 12.76 -21.73
N ALA B 49 28.25 12.25 -20.89
CA ALA B 49 28.63 11.49 -19.60
C ALA B 49 29.52 12.32 -18.69
N ASP B 50 29.33 13.61 -18.76
CA ASP B 50 30.11 14.52 -17.97
C ASP B 50 29.45 14.70 -16.57
N ASN B 51 30.08 14.14 -15.55
CA ASN B 51 29.65 14.26 -14.20
C ASN B 51 30.16 15.48 -13.53
N SER B 52 30.92 16.31 -14.23
CA SER B 52 31.59 17.45 -13.55
C SER B 52 30.57 18.55 -13.22
N VAL B 53 29.39 18.49 -13.80
CA VAL B 53 28.40 19.48 -13.54
C VAL B 53 27.29 18.87 -12.62
N ILE B 54 27.53 17.71 -12.01
CA ILE B 54 26.44 17.09 -11.22
C ILE B 54 26.74 17.38 -9.79
N VAL B 55 25.84 18.06 -9.08
CA VAL B 55 25.96 18.08 -7.62
C VAL B 55 25.38 16.68 -7.25
N ALA B 56 26.12 15.88 -6.49
CA ALA B 56 25.70 14.50 -6.26
C ALA B 56 24.34 14.52 -5.48
N THR B 57 23.39 13.70 -5.91
CA THR B 57 22.20 13.54 -5.12
C THR B 57 22.42 13.25 -3.60
N ASP B 58 23.44 12.51 -3.22
CA ASP B 58 23.79 12.35 -1.82
C ASP B 58 24.07 13.72 -1.22
N SER B 59 24.55 14.67 -2.01
CA SER B 59 24.92 15.95 -1.39
C SER B 59 23.70 16.76 -1.21
N ILE B 60 22.72 16.57 -2.07
CA ILE B 60 21.47 17.28 -1.92
C ILE B 60 20.90 16.84 -0.55
N LYS B 61 21.00 15.56 -0.24
CA LYS B 61 20.51 15.04 1.01
C LYS B 61 21.19 15.68 2.21
N ASN B 62 22.52 15.75 2.21
CA ASN B 62 23.22 16.38 3.29
C ASN B 62 22.77 17.82 3.35
N THR B 63 22.60 18.45 2.22
CA THR B 63 22.23 19.84 2.25
C THR B 63 20.91 20.07 2.96
N ILE B 64 19.97 19.15 2.71
CA ILE B 64 18.67 19.21 3.33
C ILE B 64 18.83 19.14 4.84
N TYR B 65 19.59 18.17 5.30
CA TYR B 65 19.81 17.99 6.75
C TYR B 65 20.38 19.27 7.37
N ILE B 66 21.43 19.83 6.75
CA ILE B 66 22.16 20.97 7.25
C ILE B 66 21.27 22.26 7.22
N THR B 67 20.59 22.52 6.11
CA THR B 67 19.75 23.65 6.10
C THR B 67 18.72 23.54 7.25
N ALA B 68 18.22 22.33 7.53
CA ALA B 68 17.18 22.15 8.51
C ALA B 68 17.79 22.37 9.91
N LYS B 69 19.09 22.11 10.02
CA LYS B 69 19.72 22.31 11.31
C LYS B 69 19.91 23.81 11.64
N GLN B 70 20.21 24.64 10.65
CA GLN B 70 20.46 26.05 10.89
C GLN B 70 19.29 26.96 10.57
N ASN B 71 18.11 26.42 10.40
CA ASN B 71 17.01 27.27 10.04
C ASN B 71 15.70 26.76 10.61
N PRO B 72 14.68 27.66 10.68
CA PRO B 72 13.40 27.16 11.15
C PRO B 72 12.81 26.20 10.09
N VAL B 73 12.28 25.06 10.54
CA VAL B 73 11.59 24.18 9.55
C VAL B 73 10.13 24.48 9.33
N THR B 74 9.61 25.55 9.90
CA THR B 74 8.19 25.86 9.90
C THR B 74 8.04 27.36 9.86
N PRO B 75 7.11 27.92 9.11
CA PRO B 75 6.18 27.18 8.26
C PRO B 75 6.92 26.52 7.08
N PRO B 76 6.42 25.39 6.60
CA PRO B 76 7.25 24.78 5.54
C PRO B 76 7.44 25.75 4.29
N GLU B 77 6.49 26.66 3.99
CA GLU B 77 6.65 27.65 2.91
C GLU B 77 8.00 28.39 3.05
N LEU B 78 8.32 28.78 4.28
CA LEU B 78 9.61 29.39 4.54
C LEU B 78 10.75 28.44 4.20
N PHE B 79 10.82 27.34 4.94
CA PHE B 79 11.82 26.32 4.79
C PHE B 79 12.07 25.87 3.33
N GLY B 80 11.02 25.67 2.56
CA GLY B 80 11.18 25.36 1.15
C GLY B 80 11.93 26.50 0.41
N SER B 81 11.72 27.73 0.87
CA SER B 81 12.14 28.88 0.15
C SER B 81 13.55 28.99 0.55
N ILE B 82 13.87 28.77 1.83
CA ILE B 82 15.25 28.88 2.13
C ILE B 82 16.07 27.78 1.38
N LEU B 83 15.48 26.60 1.18
CA LEU B 83 16.25 25.47 0.67
C LEU B 83 16.37 25.54 -0.84
N GLY B 84 15.32 25.92 -1.54
CA GLY B 84 15.40 26.19 -2.95
C GLY B 84 16.35 27.34 -3.24
N THR B 85 16.47 28.31 -2.33
CA THR B 85 17.30 29.49 -2.64
C THR B 85 18.78 29.15 -2.55
N HIS B 86 19.14 28.45 -1.51
CA HIS B 86 20.47 27.94 -1.34
C HIS B 86 21.02 27.31 -2.63
N PHE B 87 20.14 26.62 -3.41
CA PHE B 87 20.65 25.93 -4.61
C PHE B 87 21.07 26.85 -5.64
N ILE B 88 20.19 27.76 -6.01
CA ILE B 88 20.54 28.73 -7.02
C ILE B 88 21.60 29.73 -6.57
N GLU B 89 21.76 30.01 -5.33
CA GLU B 89 22.89 30.83 -4.93
C GLU B 89 24.22 30.15 -4.80
N LYS B 90 24.29 28.85 -4.53
CA LYS B 90 25.58 28.19 -4.34
C LYS B 90 26.26 27.66 -5.68
N TYR B 91 25.55 27.69 -6.81
CA TYR B 91 25.94 26.97 -7.99
C TYR B 91 25.58 27.79 -9.21
N ASN B 92 26.54 28.15 -10.07
CA ASN B 92 26.14 29.00 -11.20
C ASN B 92 25.56 28.22 -12.27
N HIS B 93 25.74 26.90 -12.30
CA HIS B 93 24.97 26.21 -13.32
C HIS B 93 23.51 25.89 -12.89
N ILE B 94 23.17 26.08 -11.60
CA ILE B 94 21.81 25.69 -11.24
C ILE B 94 20.92 26.92 -11.34
N HIS B 95 19.88 26.85 -12.16
CA HIS B 95 19.01 27.99 -12.41
C HIS B 95 17.61 27.85 -11.81
N ALA B 96 17.26 26.63 -11.36
CA ALA B 96 15.93 26.36 -10.81
C ALA B 96 16.00 25.23 -9.78
N ALA B 97 15.41 25.41 -8.58
CA ALA B 97 15.35 24.37 -7.58
C ALA B 97 13.85 24.06 -7.39
N HIS B 98 13.39 22.80 -7.39
CA HIS B 98 11.93 22.55 -7.10
C HIS B 98 11.81 21.71 -5.87
N VAL B 99 11.14 22.26 -4.86
CA VAL B 99 11.24 21.67 -3.49
C VAL B 99 9.86 21.24 -3.10
N ASN B 100 9.69 19.95 -2.80
CA ASN B 100 8.39 19.48 -2.33
C ASN B 100 8.42 19.06 -0.90
N ILE B 101 7.45 19.50 -0.12
CA ILE B 101 7.44 19.15 1.30
C ILE B 101 6.11 18.59 1.73
N VAL B 102 6.18 17.49 2.43
CA VAL B 102 4.98 16.84 3.00
C VAL B 102 5.28 16.86 4.47
N CYS B 103 4.36 17.47 5.23
CA CYS B 103 4.44 17.47 6.68
C CYS B 103 3.43 16.49 7.22
N HIS B 104 3.93 15.70 8.16
CA HIS B 104 3.18 14.66 8.83
C HIS B 104 2.70 15.12 10.19
N ARG B 105 1.45 14.79 10.57
CA ARG B 105 0.99 15.19 11.92
C ARG B 105 1.62 14.51 13.11
N TRP B 106 2.17 15.31 13.94
CA TRP B 106 2.43 14.87 15.30
C TRP B 106 1.69 15.78 16.30
N THR B 107 0.40 15.55 16.48
CA THR B 107 -0.26 16.19 17.57
C THR B 107 0.13 15.76 19.00
N ARG B 108 0.28 16.79 19.84
CA ARG B 108 0.55 16.69 21.26
C ARG B 108 -0.61 16.01 21.93
N MET B 109 -0.27 15.00 22.72
CA MET B 109 -1.27 14.20 23.48
C MET B 109 -1.88 15.01 24.59
N ASP B 110 -3.19 14.85 24.78
CA ASP B 110 -3.89 15.34 25.98
C ASP B 110 -4.01 14.28 27.05
N ILE B 111 -3.35 14.50 28.19
CA ILE B 111 -3.38 13.48 29.27
C ILE B 111 -4.05 14.01 30.54
N ASP B 112 -5.17 13.37 30.89
CA ASP B 112 -6.15 13.88 31.89
C ASP B 112 -6.31 15.38 31.65
N GLY B 113 -6.70 15.71 30.42
CA GLY B 113 -7.11 17.06 30.09
C GLY B 113 -5.98 18.08 29.99
N LYS B 114 -4.79 17.77 30.50
CA LYS B 114 -3.64 18.63 30.33
C LYS B 114 -2.81 18.29 29.07
N PRO B 115 -2.20 19.32 28.43
CA PRO B 115 -1.35 18.98 27.28
C PRO B 115 0.12 18.55 27.66
N HIS B 116 0.52 17.39 27.21
CA HIS B 116 1.79 16.82 27.55
C HIS B 116 3.07 17.45 26.92
N PRO B 117 4.03 17.79 27.77
CA PRO B 117 5.14 18.59 27.29
C PRO B 117 5.98 17.92 26.13
N HIS B 118 5.96 16.57 26.04
CA HIS B 118 6.83 15.87 25.07
C HIS B 118 6.30 14.49 24.50
N SER B 119 5.01 14.38 24.21
CA SER B 119 4.47 13.14 23.62
C SER B 119 3.45 13.45 22.63
N PHE B 120 3.33 12.64 21.60
CA PHE B 120 2.44 12.98 20.48
C PHE B 120 1.90 11.78 19.85
N ILE B 121 0.83 12.02 19.13
CA ILE B 121 0.11 10.99 18.54
C ILE B 121 -0.09 11.44 17.08
N ARG B 122 0.07 10.47 16.19
CA ARG B 122 -0.20 10.63 14.80
C ARG B 122 -1.69 10.58 14.68
N ASP B 123 -2.35 11.73 14.73
CA ASP B 123 -3.81 11.68 14.81
C ASP B 123 -4.54 11.78 13.52
N SER B 124 -3.88 11.57 12.38
CA SER B 124 -4.62 11.45 11.11
C SER B 124 -3.57 11.16 9.99
N GLU B 125 -4.01 10.51 8.91
CA GLU B 125 -3.12 10.42 7.81
C GLU B 125 -3.09 11.74 6.93
N GLU B 126 -3.84 12.80 7.36
CA GLU B 126 -3.97 14.07 6.68
C GLU B 126 -2.61 14.77 6.57
N LYS B 127 -2.39 15.45 5.42
CA LYS B 127 -1.12 16.13 5.31
C LYS B 127 -1.21 17.62 4.97
N ARG B 128 -0.18 18.31 5.35
CA ARG B 128 0.02 19.69 4.92
C ARG B 128 1.29 19.73 4.02
N ASN B 129 1.11 20.11 2.77
CA ASN B 129 2.24 20.22 1.83
C ASN B 129 2.52 21.62 1.27
N VAL B 130 3.75 21.84 0.79
CA VAL B 130 4.10 22.99 -0.09
C VAL B 130 4.89 22.44 -1.24
N GLN B 131 4.60 22.99 -2.38
CA GLN B 131 5.52 23.00 -3.49
C GLN B 131 6.16 24.38 -3.72
N VAL B 132 7.46 24.46 -3.66
CA VAL B 132 8.13 25.75 -3.86
C VAL B 132 9.04 25.72 -5.10
N ASP B 133 8.75 26.59 -6.05
CA ASP B 133 9.60 26.72 -7.30
C ASP B 133 10.44 27.96 -7.31
N VAL B 134 11.72 27.84 -7.09
CA VAL B 134 12.68 28.96 -7.07
C VAL B 134 13.42 29.00 -8.43
N VAL B 135 13.08 29.96 -9.28
CA VAL B 135 13.64 30.10 -10.62
C VAL B 135 14.52 31.35 -10.68
N GLU B 136 15.80 31.26 -11.11
CA GLU B 136 16.71 32.44 -11.18
C GLU B 136 16.05 33.54 -11.99
N GLY B 137 16.11 34.76 -11.41
CA GLY B 137 15.35 35.90 -11.88
C GLY B 137 13.88 35.69 -12.24
N LYS B 138 13.15 34.88 -11.46
CA LYS B 138 11.68 34.93 -11.50
C LYS B 138 11.18 34.80 -10.10
N GLY B 139 12.05 34.87 -9.10
CA GLY B 139 11.61 34.77 -7.74
C GLY B 139 11.08 33.41 -7.31
N ILE B 140 10.01 33.38 -6.50
CA ILE B 140 9.58 32.19 -5.76
C ILE B 140 8.13 31.93 -5.95
N ASP B 141 7.77 30.86 -6.65
CA ASP B 141 6.39 30.40 -6.69
C ASP B 141 6.07 29.32 -5.60
N ILE B 142 5.03 29.59 -4.81
CA ILE B 142 4.61 28.70 -3.72
C ILE B 142 3.18 28.14 -3.87
N LYS B 143 3.02 26.81 -3.91
CA LYS B 143 1.72 26.17 -3.90
C LYS B 143 1.57 25.53 -2.53
N SER B 144 0.52 25.85 -1.76
CA SER B 144 0.38 25.34 -0.38
C SER B 144 -0.75 24.35 -0.43
N SER B 145 -0.67 23.22 0.28
CA SER B 145 -1.92 22.50 0.29
C SER B 145 -2.20 21.57 1.45
N LEU B 146 -3.41 21.05 1.46
CA LEU B 146 -3.76 20.02 2.44
C LEU B 146 -4.33 18.90 1.62
N SER B 147 -3.93 17.68 1.98
CA SER B 147 -4.47 16.54 1.28
C SER B 147 -4.69 15.44 2.27
N GLY B 148 -5.42 14.40 1.88
CA GLY B 148 -5.63 13.26 2.78
C GLY B 148 -6.70 13.51 3.86
N LEU B 149 -7.59 14.50 3.68
CA LEU B 149 -8.53 14.89 4.71
C LEU B 149 -9.84 14.19 4.30
N THR B 150 -10.34 13.20 5.08
CA THR B 150 -11.44 12.31 4.62
C THR B 150 -12.66 12.54 5.44
N VAL B 151 -13.77 12.82 4.75
CA VAL B 151 -15.02 13.27 5.40
C VAL B 151 -16.23 12.50 4.85
N LEU B 152 -17.24 12.41 5.70
CA LEU B 152 -18.52 11.84 5.28
C LEU B 152 -19.59 12.66 5.98
N LYS B 153 -20.67 12.84 5.25
CA LYS B 153 -21.91 13.32 5.87
C LYS B 153 -23.06 12.40 5.45
N SER B 154 -23.87 12.00 6.41
CA SER B 154 -24.84 10.85 6.22
C SER B 154 -26.13 11.28 5.53
N THR B 155 -26.31 12.60 5.49
CA THR B 155 -27.49 13.23 4.90
C THR B 155 -27.20 14.65 4.34
N ASN B 156 -28.24 15.33 3.77
CA ASN B 156 -28.07 16.75 3.32
C ASN B 156 -27.09 16.83 2.15
N SER B 157 -27.40 16.00 1.18
CA SER B 157 -26.68 15.96 -0.04
C SER B 157 -27.66 15.36 -1.06
N GLN B 158 -27.71 16.00 -2.23
CA GLN B 158 -28.61 15.47 -3.25
C GLN B 158 -28.04 15.40 -4.65
N PHE B 159 -28.70 14.66 -5.50
CA PHE B 159 -28.22 14.66 -6.85
C PHE B 159 -29.39 14.34 -7.83
N TRP B 160 -29.89 15.44 -8.44
CA TRP B 160 -30.97 15.39 -9.47
C TRP B 160 -30.69 16.45 -10.51
N GLY B 161 -31.40 16.34 -11.61
CA GLY B 161 -31.37 17.36 -12.64
C GLY B 161 -30.24 17.17 -13.65
N PHE B 162 -29.43 16.13 -13.52
CA PHE B 162 -28.37 15.91 -14.51
C PHE B 162 -28.96 15.43 -15.83
N LEU B 163 -28.18 15.53 -16.88
CA LEU B 163 -28.61 15.07 -18.18
C LEU B 163 -28.92 13.59 -18.15
N ARG B 164 -29.90 13.14 -18.95
CA ARG B 164 -30.31 11.72 -19.04
C ARG B 164 -30.30 11.44 -20.47
N ASP B 165 -29.84 10.28 -20.90
CA ASP B 165 -29.98 9.91 -22.26
C ASP B 165 -29.81 8.45 -22.20
N GLU B 166 -29.38 7.80 -23.29
CA GLU B 166 -29.50 6.35 -23.41
C GLU B 166 -28.28 5.58 -22.81
N TYR B 167 -27.50 6.37 -22.05
CA TYR B 167 -26.31 5.96 -21.23
C TYR B 167 -26.56 6.08 -19.71
N THR B 168 -27.69 6.68 -19.34
CA THR B 168 -28.01 6.94 -17.95
C THR B 168 -28.86 5.82 -17.28
N THR B 169 -28.63 5.56 -15.99
CA THR B 169 -29.40 4.60 -15.24
C THR B 169 -29.40 5.05 -13.85
N LEU B 170 -28.54 6.00 -13.50
CA LEU B 170 -28.68 6.57 -12.18
C LEU B 170 -30.14 7.13 -11.95
N LYS B 171 -30.76 6.78 -10.81
CA LYS B 171 -32.03 7.39 -10.39
C LYS B 171 -31.71 8.75 -9.78
N GLU B 172 -32.65 9.68 -9.76
CA GLU B 172 -32.37 10.96 -9.08
C GLU B 172 -32.51 10.79 -7.54
N THR B 173 -32.15 11.74 -6.71
CA THR B 173 -32.24 11.41 -5.34
C THR B 173 -32.10 12.66 -4.51
N TRP B 174 -32.87 12.75 -3.43
CA TRP B 174 -32.93 13.96 -2.64
C TRP B 174 -32.25 13.80 -1.28
N ASP B 175 -31.89 12.54 -0.93
CA ASP B 175 -30.99 12.22 0.25
C ASP B 175 -29.88 11.14 -0.06
N ARG B 176 -28.62 11.48 0.15
CA ARG B 176 -27.62 10.47 -0.13
C ARG B 176 -26.44 10.78 0.79
N ILE B 177 -25.57 9.77 0.94
CA ILE B 177 -24.33 9.89 1.69
C ILE B 177 -23.34 10.66 0.83
N LEU B 178 -22.50 11.48 1.44
CA LEU B 178 -21.49 12.08 0.62
C LEU B 178 -20.19 12.00 1.32
N SER B 179 -19.29 11.23 0.74
CA SER B 179 -17.98 11.05 1.36
C SER B 179 -16.90 11.33 0.33
N THR B 180 -15.79 11.94 0.75
CA THR B 180 -14.77 12.30 -0.18
C THR B 180 -13.48 12.41 0.53
N ASP B 181 -12.39 12.44 -0.22
CA ASP B 181 -11.08 12.88 0.35
C ASP B 181 -10.77 14.28 -0.12
N VAL B 182 -10.16 15.11 0.65
CA VAL B 182 -10.12 16.40 0.14
C VAL B 182 -8.70 16.66 -0.15
N ASP B 183 -8.52 17.05 -1.39
CA ASP B 183 -7.23 17.65 -1.79
C ASP B 183 -7.44 19.14 -2.21
N ALA B 184 -6.78 20.06 -1.51
CA ALA B 184 -7.03 21.50 -1.73
C ALA B 184 -5.77 22.29 -1.84
N THR B 185 -5.65 23.04 -2.94
CA THR B 185 -4.36 23.80 -3.18
C THR B 185 -4.54 25.29 -3.34
N TRP B 186 -3.79 26.06 -2.61
CA TRP B 186 -3.81 27.46 -2.81
C TRP B 186 -2.46 28.00 -3.32
N GLN B 187 -2.53 28.68 -4.47
CA GLN B 187 -1.37 29.32 -4.99
C GLN B 187 -1.17 30.75 -4.60
N TRP B 188 -0.03 31.02 -3.98
CA TRP B 188 0.35 32.38 -3.65
C TRP B 188 0.74 33.19 -4.88
N LYS B 189 0.73 34.54 -4.72
CA LYS B 189 1.16 35.53 -5.74
C LYS B 189 2.66 35.31 -5.86
N ASN B 190 3.23 35.44 -7.06
CA ASN B 190 4.68 35.35 -7.10
C ASN B 190 5.43 36.19 -6.03
N PHE B 191 6.43 35.67 -5.33
CA PHE B 191 7.26 36.55 -4.45
C PHE B 191 8.63 36.94 -5.05
N SER B 192 9.14 38.11 -4.75
CA SER B 192 10.40 38.55 -5.40
C SER B 192 11.69 37.86 -4.95
N GLY B 193 11.87 37.48 -3.69
CA GLY B 193 13.09 36.75 -3.27
C GLY B 193 12.81 36.28 -1.88
N LEU B 194 13.77 35.70 -1.17
CA LEU B 194 13.56 35.23 0.23
C LEU B 194 12.94 36.28 1.14
N GLN B 195 13.39 37.51 0.94
CA GLN B 195 13.02 38.76 1.64
C GLN B 195 11.52 38.91 1.80
N GLU B 196 10.89 39.01 0.65
CA GLU B 196 9.49 39.15 0.62
C GLU B 196 8.86 37.94 1.34
N VAL B 197 9.44 36.75 1.18
CA VAL B 197 8.89 35.54 1.83
C VAL B 197 8.92 35.68 3.39
N ARG B 198 10.09 36.04 3.91
CA ARG B 198 10.29 36.22 5.32
C ARG B 198 9.28 37.14 5.86
N SER B 199 8.93 38.11 5.04
CA SER B 199 8.08 39.12 5.57
C SER B 199 6.64 38.66 5.63
N HIS B 200 6.13 37.80 4.74
CA HIS B 200 4.79 37.25 5.01
C HIS B 200 4.62 35.98 5.91
N VAL B 201 5.65 35.61 6.67
CA VAL B 201 5.62 34.37 7.42
C VAL B 201 4.28 34.08 8.15
N PRO B 202 3.73 35.04 8.91
CA PRO B 202 2.54 34.58 9.69
C PRO B 202 1.28 34.38 8.84
N LYS B 203 1.24 34.99 7.69
CA LYS B 203 0.13 34.65 6.80
C LYS B 203 -0.02 33.12 6.42
N PHE B 204 1.07 32.34 6.62
CA PHE B 204 1.20 30.98 6.06
C PHE B 204 0.41 30.03 6.86
N ASP B 205 0.69 29.94 8.19
CA ASP B 205 -0.10 29.04 9.10
C ASP B 205 -1.49 29.50 9.16
N ALA B 206 -1.68 30.78 9.46
CA ALA B 206 -3.03 31.38 9.34
C ALA B 206 -3.79 30.97 8.08
N THR B 207 -3.18 30.97 6.89
CA THR B 207 -4.05 30.61 5.72
C THR B 207 -4.38 29.10 5.57
N TRP B 208 -3.42 28.25 5.97
CA TRP B 208 -3.65 26.84 6.06
C TRP B 208 -4.90 26.62 7.00
N ALA B 209 -4.79 27.10 8.25
CA ALA B 209 -5.93 27.10 9.23
C ALA B 209 -7.25 27.54 8.56
N THR B 210 -7.27 28.73 8.00
CA THR B 210 -8.44 29.18 7.32
C THR B 210 -8.87 28.19 6.32
N ALA B 211 -7.96 27.72 5.49
CA ALA B 211 -8.41 26.77 4.46
C ALA B 211 -9.13 25.48 5.05
N ARG B 212 -8.53 24.91 6.13
CA ARG B 212 -9.05 23.68 6.70
C ARG B 212 -10.50 23.87 7.16
N GLU B 213 -10.65 24.87 8.03
CA GLU B 213 -11.91 25.45 8.55
C GLU B 213 -12.99 25.74 7.49
N VAL B 214 -12.69 26.56 6.53
CA VAL B 214 -13.69 26.75 5.48
C VAL B 214 -14.12 25.42 4.84
N THR B 215 -13.20 24.48 4.67
CA THR B 215 -13.53 23.24 3.95
C THR B 215 -14.50 22.37 4.75
N LEU B 216 -14.08 22.12 6.01
CA LEU B 216 -14.84 21.47 7.05
C LEU B 216 -16.25 22.09 7.29
N LYS B 217 -16.25 23.38 7.63
CA LYS B 217 -17.49 24.08 7.88
C LYS B 217 -18.39 24.11 6.65
N THR B 218 -17.83 24.35 5.49
CA THR B 218 -18.72 24.36 4.32
C THR B 218 -19.28 23.02 4.00
N PHE B 219 -18.50 21.99 4.23
CA PHE B 219 -18.90 20.65 3.84
C PHE B 219 -20.07 20.21 4.77
N ALA B 220 -19.97 20.52 6.07
CA ALA B 220 -21.02 20.13 7.00
C ALA B 220 -22.35 20.82 6.65
N GLU B 221 -22.23 22.14 6.42
CA GLU B 221 -23.39 22.99 6.45
C GLU B 221 -24.06 23.06 5.17
N ASP B 222 -23.37 22.84 4.06
CA ASP B 222 -23.98 23.16 2.77
C ASP B 222 -24.94 22.08 2.49
N ASN B 223 -26.20 22.40 2.26
CA ASN B 223 -27.10 21.38 1.83
C ASN B 223 -27.05 21.27 0.34
N SER B 224 -26.03 20.65 -0.24
CA SER B 224 -26.03 20.83 -1.70
C SER B 224 -26.39 19.69 -2.62
N ALA B 225 -26.69 20.08 -3.84
CA ALA B 225 -27.10 19.12 -4.87
C ALA B 225 -26.02 19.07 -5.91
N SER B 226 -24.86 19.59 -5.54
CA SER B 226 -23.74 19.51 -6.45
C SER B 226 -22.44 19.51 -5.67
N VAL B 227 -21.61 18.49 -5.87
CA VAL B 227 -20.22 18.62 -5.39
C VAL B 227 -19.51 19.85 -6.05
N GLN B 228 -19.71 20.05 -7.36
CA GLN B 228 -19.20 21.23 -8.07
C GLN B 228 -19.57 22.49 -7.27
N ALA B 229 -20.88 22.61 -7.08
CA ALA B 229 -21.49 23.72 -6.27
C ALA B 229 -20.80 23.93 -4.89
N THR B 230 -20.48 22.86 -4.16
CA THR B 230 -19.96 23.06 -2.81
C THR B 230 -18.49 23.55 -2.83
N MET B 231 -17.75 22.93 -3.76
CA MET B 231 -16.32 23.24 -4.00
C MET B 231 -16.15 24.67 -4.26
N TYR B 232 -16.91 25.14 -5.25
CA TYR B 232 -16.82 26.53 -5.65
C TYR B 232 -17.07 27.49 -4.47
N LYS B 233 -18.12 27.21 -3.66
CA LYS B 233 -18.31 27.96 -2.42
C LYS B 233 -17.06 27.93 -1.55
N MET B 234 -16.46 26.74 -1.36
CA MET B 234 -15.24 26.66 -0.55
C MET B 234 -14.13 27.62 -1.13
N ALA B 235 -13.90 27.53 -2.46
CA ALA B 235 -12.83 28.33 -3.10
C ALA B 235 -13.10 29.81 -2.88
N GLU B 236 -14.36 30.22 -3.13
CA GLU B 236 -14.75 31.63 -3.03
C GLU B 236 -14.37 32.18 -1.75
N GLN B 237 -14.69 31.50 -0.65
CA GLN B 237 -14.37 32.13 0.66
C GLN B 237 -12.93 32.25 0.96
N ILE B 238 -12.16 31.29 0.44
CA ILE B 238 -10.72 31.33 0.68
C ILE B 238 -10.15 32.50 -0.11
N LEU B 239 -10.47 32.60 -1.41
CA LEU B 239 -10.10 33.81 -2.14
C LEU B 239 -10.52 35.04 -1.34
N ALA B 240 -11.81 35.12 -0.97
CA ALA B 240 -12.27 36.26 -0.17
C ALA B 240 -11.44 36.59 1.06
N ARG B 241 -10.89 35.64 1.77
CA ARG B 241 -10.25 35.91 3.07
C ARG B 241 -8.75 36.14 3.07
N GLN B 242 -8.12 35.98 1.91
CA GLN B 242 -6.64 36.15 1.75
C GLN B 242 -6.32 36.80 0.38
N GLN B 243 -5.92 38.05 0.50
CA GLN B 243 -5.50 38.91 -0.63
C GLN B 243 -4.40 38.23 -1.49
N LEU B 244 -3.29 37.80 -0.84
CA LEU B 244 -2.18 37.20 -1.54
C LEU B 244 -2.32 35.90 -2.35
N ILE B 245 -3.49 35.25 -2.36
CA ILE B 245 -3.70 34.01 -3.06
C ILE B 245 -4.20 34.33 -4.47
N GLU B 246 -3.76 33.66 -5.52
CA GLU B 246 -4.35 33.94 -6.79
C GLU B 246 -5.33 32.93 -7.21
N THR B 247 -5.05 31.65 -6.91
CA THR B 247 -5.93 30.52 -7.28
C THR B 247 -6.14 29.54 -6.14
N VAL B 248 -7.32 28.93 -6.19
CA VAL B 248 -7.68 27.86 -5.29
C VAL B 248 -8.05 26.70 -6.13
N GLU B 249 -7.49 25.55 -5.82
CA GLU B 249 -7.84 24.31 -6.54
C GLU B 249 -8.43 23.22 -5.65
N TYR B 250 -9.46 22.57 -6.11
CA TYR B 250 -10.02 21.47 -5.29
C TYR B 250 -10.01 20.25 -6.17
N SER B 251 -9.60 19.16 -5.56
CA SER B 251 -9.73 17.86 -6.17
C SER B 251 -10.44 16.92 -5.14
N LEU B 252 -11.58 16.39 -5.54
CA LEU B 252 -12.45 15.59 -4.66
C LEU B 252 -12.82 14.27 -5.33
N PRO B 253 -12.28 13.16 -4.82
CA PRO B 253 -12.80 11.80 -5.13
C PRO B 253 -14.15 11.66 -4.55
N ASN B 254 -15.08 11.13 -5.27
CA ASN B 254 -16.34 11.04 -4.58
C ASN B 254 -16.68 9.53 -4.36
N LYS B 255 -16.35 9.09 -3.12
CA LYS B 255 -16.44 7.66 -2.75
C LYS B 255 -17.89 7.20 -2.52
N HIS B 256 -18.38 6.25 -3.28
CA HIS B 256 -19.78 5.96 -3.26
C HIS B 256 -20.16 4.90 -2.24
N TYR B 257 -21.33 5.10 -1.61
CA TYR B 257 -22.00 4.11 -0.82
C TYR B 257 -23.32 3.67 -1.46
N PHE B 258 -23.46 2.43 -1.91
CA PHE B 258 -24.70 1.91 -2.47
C PHE B 258 -25.75 1.42 -1.48
N GLU B 259 -27.03 1.65 -1.81
CA GLU B 259 -28.16 1.06 -1.08
C GLU B 259 -28.16 -0.45 -1.34
N ILE B 260 -28.53 -1.26 -0.38
CA ILE B 260 -28.52 -2.68 -0.65
C ILE B 260 -29.95 -3.03 -0.61
N ASP B 261 -30.41 -3.58 -1.72
CA ASP B 261 -31.84 -3.94 -1.77
C ASP B 261 -32.11 -5.27 -1.04
N LEU B 262 -32.73 -5.23 0.13
CA LEU B 262 -32.92 -6.49 0.91
C LEU B 262 -34.31 -7.07 0.80
N SER B 263 -35.04 -6.70 -0.25
CA SER B 263 -36.49 -6.98 -0.25
C SER B 263 -36.75 -8.43 -0.63
N TRP B 264 -35.81 -9.10 -1.28
CA TRP B 264 -36.08 -10.44 -1.72
C TRP B 264 -36.03 -11.39 -0.50
N HIS B 265 -35.64 -10.89 0.66
CA HIS B 265 -35.50 -11.79 1.75
C HIS B 265 -36.54 -11.38 2.68
N LYS B 266 -37.60 -12.20 2.80
CA LYS B 266 -38.72 -11.91 3.71
C LYS B 266 -39.22 -10.45 3.58
N GLY B 267 -39.41 -9.96 2.33
CA GLY B 267 -39.67 -8.53 2.09
C GLY B 267 -38.97 -7.53 3.03
N LEU B 268 -37.65 -7.45 3.04
CA LEU B 268 -37.07 -6.58 4.09
C LEU B 268 -36.84 -5.17 3.53
N GLN B 269 -37.17 -4.18 4.37
CA GLN B 269 -37.13 -2.73 3.91
C GLN B 269 -35.78 -2.08 4.16
N ASN B 270 -35.02 -1.90 3.08
CA ASN B 270 -33.73 -1.18 3.20
C ASN B 270 -33.32 -0.14 2.17
N THR B 271 -34.28 0.38 1.43
CA THR B 271 -34.07 1.40 0.43
C THR B 271 -35.00 2.60 0.69
N GLY B 272 -34.76 3.67 -0.09
CA GLY B 272 -35.45 4.90 0.12
C GLY B 272 -35.34 5.35 1.56
N LYS B 273 -36.49 5.79 2.09
CA LYS B 273 -36.67 6.37 3.44
C LYS B 273 -36.11 5.40 4.51
N ASN B 274 -35.97 4.15 4.10
CA ASN B 274 -35.75 2.98 4.96
C ASN B 274 -34.31 2.42 5.02
N ALA B 275 -33.54 2.72 3.97
CA ALA B 275 -32.11 2.50 3.87
C ALA B 275 -31.46 2.83 5.16
N GLU B 276 -30.84 1.80 5.74
CA GLU B 276 -30.04 1.89 6.95
C GLU B 276 -28.60 1.28 6.77
N VAL B 277 -28.55 0.18 5.98
CA VAL B 277 -27.38 -0.63 5.79
C VAL B 277 -27.01 -0.43 4.34
N PHE B 278 -25.74 -0.05 4.11
CA PHE B 278 -25.20 0.25 2.77
C PHE B 278 -23.83 -0.38 2.54
N ALA B 279 -23.53 -0.73 1.31
CA ALA B 279 -22.19 -1.15 0.87
C ALA B 279 -21.21 0.01 0.41
N PRO B 280 -20.23 0.41 1.23
CA PRO B 280 -19.25 1.37 0.70
C PRO B 280 -18.56 0.75 -0.54
N GLN B 281 -18.39 1.47 -1.67
CA GLN B 281 -17.68 0.88 -2.84
C GLN B 281 -16.19 1.28 -2.89
N SER B 282 -15.30 0.31 -3.09
CA SER B 282 -13.89 0.70 -3.16
C SER B 282 -13.57 1.42 -4.46
N ASP B 283 -14.18 0.98 -5.55
CA ASP B 283 -14.05 1.61 -6.84
C ASP B 283 -15.30 1.20 -7.53
N PRO B 284 -15.63 1.88 -8.66
CA PRO B 284 -14.93 3.10 -9.13
C PRO B 284 -15.23 4.29 -8.21
N ASN B 285 -14.75 5.47 -8.55
CA ASN B 285 -15.12 6.65 -7.88
C ASN B 285 -15.25 7.85 -8.87
N GLY B 286 -16.15 8.81 -8.56
CA GLY B 286 -16.29 10.07 -9.28
C GLY B 286 -15.14 10.95 -8.90
N LEU B 287 -14.71 11.84 -9.78
CA LEU B 287 -13.57 12.72 -9.47
C LEU B 287 -13.88 14.10 -10.05
N ILE B 288 -13.85 15.12 -9.20
CA ILE B 288 -14.33 16.44 -9.56
C ILE B 288 -13.23 17.38 -9.14
N LYS B 289 -12.82 18.23 -10.08
CA LYS B 289 -11.70 19.14 -9.93
C LYS B 289 -12.19 20.56 -10.33
N CYS B 290 -11.56 21.60 -9.74
CA CYS B 290 -11.57 22.88 -10.43
C CYS B 290 -10.57 23.87 -9.91
N THR B 291 -10.16 24.80 -10.78
CA THR B 291 -9.37 25.95 -10.35
C THR B 291 -10.24 27.21 -10.37
N VAL B 292 -10.20 27.99 -9.30
CA VAL B 292 -10.99 29.18 -9.20
C VAL B 292 -9.98 30.24 -8.85
N GLY B 293 -9.94 31.33 -9.63
CA GLY B 293 -9.08 32.52 -9.37
C GLY B 293 -9.92 33.79 -9.41
N ARG B 294 -9.35 35.02 -9.39
CA ARG B 294 -10.23 36.24 -9.40
C ARG B 294 -10.53 36.70 -10.80
N SER B 295 -11.54 37.58 -10.95
CA SER B 295 -11.95 38.14 -12.31
C SER B 295 -11.15 39.39 -12.79
N SER B 296 -10.07 39.18 -13.58
N ALA C 2 1.53 -12.17 35.45
CA ALA C 2 2.60 -13.00 34.97
C ALA C 2 2.71 -12.95 33.45
N VAL C 3 3.95 -12.99 33.00
CA VAL C 3 4.31 -13.11 31.65
C VAL C 3 3.97 -14.51 31.29
N LYS C 4 2.98 -14.68 30.44
CA LYS C 4 2.65 -16.01 29.92
C LYS C 4 3.45 -16.38 28.65
N ALA C 5 3.90 -15.37 27.87
CA ALA C 5 4.67 -15.51 26.56
C ALA C 5 5.38 -14.23 26.30
N ALA C 6 6.61 -14.28 25.80
CA ALA C 6 7.29 -13.10 25.36
C ALA C 6 8.28 -13.49 24.25
N ARG C 7 8.39 -12.64 23.21
CA ARG C 7 9.26 -12.76 21.99
C ARG C 7 9.70 -11.34 21.73
N TYR C 8 10.96 -11.09 21.41
CA TYR C 8 11.28 -9.77 20.91
C TYR C 8 12.40 -9.97 19.87
N GLY C 9 12.68 -8.94 19.07
CA GLY C 9 13.58 -9.11 17.95
C GLY C 9 13.62 -8.06 16.85
N LYS C 10 14.11 -8.39 15.65
CA LYS C 10 14.23 -7.39 14.57
C LYS C 10 13.46 -7.89 13.39
N ASP C 11 12.52 -7.07 12.93
CA ASP C 11 11.72 -7.31 11.71
C ASP C 11 12.22 -6.36 10.61
N ASN C 12 12.02 -6.81 9.38
CA ASN C 12 12.36 -6.05 8.15
C ASN C 12 13.81 -5.73 7.95
N VAL C 13 14.69 -6.70 8.21
CA VAL C 13 16.05 -6.46 7.89
C VAL C 13 16.25 -6.75 6.39
N ARG C 14 16.43 -5.71 5.56
CA ARG C 14 16.66 -5.99 4.11
C ARG C 14 18.10 -6.43 3.96
N VAL C 15 18.30 -7.49 3.16
CA VAL C 15 19.61 -8.10 2.87
C VAL C 15 19.78 -8.49 1.43
N TYR C 16 20.85 -8.02 0.80
CA TYR C 16 21.29 -8.51 -0.49
C TYR C 16 22.67 -9.18 -0.40
N LYS C 17 22.87 -10.28 -1.13
CA LYS C 17 24.20 -10.88 -1.27
C LYS C 17 24.46 -11.13 -2.73
N VAL C 18 25.72 -10.93 -3.11
CA VAL C 18 26.13 -11.17 -4.51
C VAL C 18 27.16 -12.31 -4.49
N HIS C 19 27.00 -13.25 -5.39
CA HIS C 19 27.95 -14.31 -5.53
C HIS C 19 28.64 -14.11 -6.90
N LYS C 20 29.90 -13.77 -6.90
CA LYS C 20 30.68 -13.65 -8.15
C LYS C 20 31.51 -14.94 -8.41
N ASP C 21 31.29 -15.51 -9.58
CA ASP C 21 32.13 -16.64 -10.02
C ASP C 21 33.19 -16.04 -10.96
N GLU C 22 34.47 -16.11 -10.59
CA GLU C 22 35.39 -15.36 -11.44
C GLU C 22 35.98 -16.24 -12.55
N LYS C 23 35.73 -17.56 -12.48
CA LYS C 23 35.88 -18.47 -13.67
C LYS C 23 35.16 -17.80 -14.85
N THR C 24 33.87 -18.14 -14.93
CA THR C 24 32.96 -17.56 -15.89
C THR C 24 32.63 -16.07 -15.78
N GLY C 25 32.97 -15.34 -14.73
CA GLY C 25 32.40 -13.95 -14.57
C GLY C 25 30.85 -13.85 -14.43
N VAL C 26 30.15 -14.96 -14.20
CA VAL C 26 28.74 -14.81 -13.92
C VAL C 26 28.52 -14.34 -12.45
N GLN C 27 27.55 -13.46 -12.28
CA GLN C 27 27.19 -12.98 -10.99
C GLN C 27 25.77 -13.39 -10.69
N THR C 28 25.51 -13.72 -9.43
CA THR C 28 24.14 -14.14 -9.05
C THR C 28 23.70 -13.32 -7.83
N VAL C 29 22.49 -12.74 -7.91
CA VAL C 29 22.03 -12.01 -6.76
C VAL C 29 20.93 -12.65 -5.98
N TYR C 30 21.02 -12.49 -4.65
CA TYR C 30 19.92 -12.82 -3.69
C TYR C 30 19.45 -11.61 -2.90
N GLU C 31 18.14 -11.42 -2.78
CA GLU C 31 17.71 -10.43 -1.82
C GLU C 31 16.56 -10.91 -0.96
N MET C 32 16.60 -10.61 0.34
CA MET C 32 15.53 -11.08 1.18
C MET C 32 15.22 -10.15 2.32
N THR C 33 14.07 -10.34 2.94
CA THR C 33 13.74 -9.54 4.10
C THR C 33 13.68 -10.57 5.24
N VAL C 34 14.32 -10.19 6.35
CA VAL C 34 14.53 -11.10 7.41
C VAL C 34 13.96 -10.59 8.74
N CYS C 35 13.29 -11.50 9.41
CA CYS C 35 12.76 -11.21 10.70
C CYS C 35 13.25 -12.29 11.67
N VAL C 36 13.84 -11.89 12.79
CA VAL C 36 14.25 -12.88 13.79
C VAL C 36 13.63 -12.54 15.16
N LEU C 37 12.84 -13.45 15.73
CA LEU C 37 12.36 -13.21 17.09
C LEU C 37 12.92 -14.19 18.17
N LEU C 38 13.41 -13.64 19.25
CA LEU C 38 13.92 -14.51 20.30
C LEU C 38 12.95 -14.74 21.48
N GLU C 39 12.96 -15.98 21.99
CA GLU C 39 12.40 -16.33 23.31
C GLU C 39 13.41 -16.90 24.32
N GLY C 40 13.02 -16.98 25.58
CA GLY C 40 13.83 -17.66 26.64
C GLY C 40 13.72 -16.87 27.93
N GLU C 41 14.79 -16.82 28.72
CA GLU C 41 14.57 -16.41 30.11
C GLU C 41 14.84 -14.97 30.21
N ILE C 42 13.83 -14.22 29.79
CA ILE C 42 13.89 -12.76 29.61
C ILE C 42 12.76 -12.06 30.37
N GLU C 43 11.93 -12.82 31.10
CA GLU C 43 10.80 -12.30 31.89
C GLU C 43 11.16 -11.01 32.63
N THR C 44 12.38 -10.91 33.08
CA THR C 44 12.74 -9.83 33.98
C THR C 44 12.93 -8.45 33.31
N SER C 45 13.03 -8.41 31.98
CA SER C 45 13.11 -7.14 31.26
C SER C 45 11.75 -6.61 31.41
N TYR C 46 10.75 -7.48 31.44
CA TYR C 46 9.40 -7.00 31.57
C TYR C 46 8.95 -6.67 32.96
N THR C 47 9.09 -7.63 33.87
CA THR C 47 8.62 -7.45 35.28
C THR C 47 9.54 -6.54 36.03
N LYS C 48 10.81 -6.44 35.74
CA LYS C 48 11.65 -5.68 36.68
C LYS C 48 12.55 -4.73 35.99
N ALA C 49 12.40 -4.53 34.68
CA ALA C 49 13.18 -3.53 33.83
C ALA C 49 14.62 -3.89 33.73
N ASP C 50 14.95 -5.16 33.66
CA ASP C 50 16.34 -5.48 33.74
C ASP C 50 16.92 -5.74 32.33
N ASN C 51 17.75 -4.82 31.86
CA ASN C 51 18.23 -4.89 30.49
C ASN C 51 19.37 -5.82 30.33
N SER C 52 19.83 -6.40 31.43
CA SER C 52 21.08 -7.20 31.36
C SER C 52 20.83 -8.49 30.53
N VAL C 53 19.59 -8.94 30.45
CA VAL C 53 19.24 -10.19 29.70
C VAL C 53 18.83 -9.96 28.21
N ILE C 54 18.77 -8.72 27.79
CA ILE C 54 18.40 -8.45 26.40
C ILE C 54 19.63 -8.37 25.51
N VAL C 55 19.67 -9.18 24.45
CA VAL C 55 20.56 -8.99 23.26
C VAL C 55 19.85 -7.86 22.55
N ALA C 56 20.55 -6.74 22.33
CA ALA C 56 19.92 -5.50 21.82
C ALA C 56 19.45 -5.79 20.39
N THR C 57 18.27 -5.32 19.97
CA THR C 57 17.78 -5.58 18.66
C THR C 57 18.81 -5.12 17.58
N ASP C 58 19.59 -4.08 17.85
CA ASP C 58 20.60 -3.68 16.88
C ASP C 58 21.62 -4.82 16.72
N SER C 59 21.71 -5.68 17.73
CA SER C 59 22.76 -6.70 17.66
C SER C 59 22.30 -7.90 16.86
N ILE C 60 20.98 -8.09 16.88
CA ILE C 60 20.34 -9.10 16.09
C ILE C 60 20.53 -8.75 14.61
N LYS C 61 20.44 -7.45 14.30
CA LYS C 61 20.60 -6.98 12.95
C LYS C 61 22.06 -7.24 12.49
N ASN C 62 23.06 -6.82 13.28
CA ASN C 62 24.45 -7.16 12.98
C ASN C 62 24.59 -8.65 12.74
N THR C 63 23.93 -9.45 13.54
CA THR C 63 24.17 -10.85 13.43
C THR C 63 23.64 -11.40 12.13
N ILE C 64 22.57 -10.82 11.65
CA ILE C 64 22.06 -11.24 10.37
C ILE C 64 23.08 -10.93 9.25
N TYR C 65 23.62 -9.72 9.22
CA TYR C 65 24.59 -9.41 8.18
C TYR C 65 25.82 -10.34 8.23
N ILE C 66 26.33 -10.56 9.43
CA ILE C 66 27.54 -11.35 9.61
C ILE C 66 27.31 -12.80 9.21
N THR C 67 26.16 -13.34 9.56
CA THR C 67 25.89 -14.68 9.22
C THR C 67 25.75 -14.78 7.71
N ALA C 68 25.18 -13.74 7.05
CA ALA C 68 24.91 -13.83 5.62
C ALA C 68 26.27 -13.72 4.99
N LYS C 69 27.17 -13.02 5.67
CA LYS C 69 28.51 -12.95 5.13
C LYS C 69 29.23 -14.26 5.25
N GLN C 70 28.96 -15.06 6.25
CA GLN C 70 29.85 -16.19 6.35
C GLN C 70 29.28 -17.42 5.95
N ASN C 71 28.15 -17.43 5.23
CA ASN C 71 27.40 -18.66 5.00
C ASN C 71 26.61 -18.60 3.75
N PRO C 72 26.21 -19.75 3.26
CA PRO C 72 25.36 -19.49 2.11
C PRO C 72 23.97 -18.96 2.54
N VAL C 73 23.39 -18.11 1.72
CA VAL C 73 22.02 -17.61 2.00
C VAL C 73 20.99 -18.40 1.30
N THR C 74 21.37 -19.43 0.58
CA THR C 74 20.40 -20.18 -0.24
C THR C 74 20.70 -21.67 -0.05
N PRO C 75 19.66 -22.52 -0.03
CA PRO C 75 18.25 -22.18 0.01
C PRO C 75 17.86 -21.52 1.32
N PRO C 76 16.85 -20.65 1.24
CA PRO C 76 16.51 -19.98 2.52
C PRO C 76 16.21 -21.03 3.69
N GLU C 77 15.76 -22.25 3.42
CA GLU C 77 15.65 -23.22 4.55
C GLU C 77 16.96 -23.42 5.35
N LEU C 78 18.10 -23.57 4.67
CA LEU C 78 19.39 -23.63 5.33
C LEU C 78 19.76 -22.39 6.05
N PHE C 79 19.59 -21.26 5.37
CA PHE C 79 20.07 -20.00 5.96
C PHE C 79 19.34 -19.74 7.28
N GLY C 80 18.04 -19.98 7.24
CA GLY C 80 17.21 -19.70 8.40
C GLY C 80 17.64 -20.55 9.58
N SER C 81 17.71 -21.84 9.29
CA SER C 81 18.26 -22.83 10.20
C SER C 81 19.64 -22.44 10.71
N ILE C 82 20.55 -21.97 9.87
CA ILE C 82 21.80 -21.59 10.45
C ILE C 82 21.52 -20.44 11.36
N LEU C 83 20.80 -19.47 10.84
CA LEU C 83 20.62 -18.25 11.57
C LEU C 83 19.95 -18.48 12.97
N GLY C 84 18.87 -19.23 13.00
CA GLY C 84 18.24 -19.58 14.23
C GLY C 84 19.11 -20.39 15.15
N THR C 85 19.79 -21.44 14.67
CA THR C 85 20.72 -22.21 15.47
C THR C 85 21.75 -21.28 16.15
N HIS C 86 22.31 -20.33 15.44
CA HIS C 86 23.26 -19.49 16.13
C HIS C 86 22.73 -18.89 17.41
N PHE C 87 21.49 -18.41 17.43
CA PHE C 87 21.06 -17.75 18.69
C PHE C 87 20.92 -18.70 19.88
N ILE C 88 20.42 -19.92 19.65
CA ILE C 88 20.34 -20.85 20.77
C ILE C 88 21.78 -21.29 21.25
N GLU C 89 22.78 -21.36 20.36
CA GLU C 89 24.11 -21.70 20.80
C GLU C 89 24.81 -20.56 21.43
N LYS C 90 24.95 -19.42 20.79
CA LYS C 90 25.65 -18.31 21.48
C LYS C 90 25.08 -17.92 22.87
N TYR C 91 23.78 -18.08 23.15
CA TYR C 91 23.22 -17.59 24.45
C TYR C 91 22.48 -18.63 25.26
N ASN C 92 22.89 -18.78 26.50
CA ASN C 92 22.16 -19.75 27.37
C ASN C 92 20.81 -19.33 27.70
N HIS C 93 20.61 -18.03 27.95
CA HIS C 93 19.26 -17.67 28.29
C HIS C 93 18.22 -17.72 27.12
N ILE C 94 18.67 -17.90 25.88
CA ILE C 94 17.75 -17.95 24.73
C ILE C 94 17.43 -19.38 24.37
N HIS C 95 16.18 -19.76 24.43
CA HIS C 95 15.83 -21.15 24.14
C HIS C 95 15.12 -21.38 22.82
N ALA C 96 14.61 -20.33 22.18
CA ALA C 96 13.95 -20.46 20.82
C ALA C 96 14.32 -19.23 19.92
N ALA C 97 14.53 -19.49 18.64
CA ALA C 97 14.57 -18.39 17.68
C ALA C 97 13.57 -18.76 16.62
N HIS C 98 12.73 -17.77 16.27
CA HIS C 98 11.82 -17.82 15.12
C HIS C 98 12.37 -16.94 14.01
N VAL C 99 12.61 -17.55 12.86
CA VAL C 99 13.19 -16.81 11.76
C VAL C 99 12.23 -16.82 10.61
N ASN C 100 11.93 -15.63 10.12
CA ASN C 100 11.12 -15.52 8.98
C ASN C 100 11.90 -14.93 7.81
N ILE C 101 11.82 -15.55 6.65
CA ILE C 101 12.56 -15.03 5.53
C ILE C 101 11.65 -14.95 4.30
N VAL C 102 11.51 -13.71 3.77
CA VAL C 102 10.85 -13.48 2.46
C VAL C 102 11.90 -13.36 1.38
N CYS C 103 11.89 -14.19 0.34
CA CYS C 103 12.88 -13.96 -0.73
C CYS C 103 12.20 -13.20 -1.89
N HIS C 104 12.88 -12.20 -2.46
CA HIS C 104 12.41 -11.41 -3.62
C HIS C 104 13.04 -11.89 -4.88
N ARG C 105 12.32 -11.83 -5.99
CA ARG C 105 12.84 -12.37 -7.26
C ARG C 105 13.72 -11.42 -7.99
N TRP C 106 14.93 -11.81 -8.31
CA TRP C 106 15.72 -11.07 -9.27
C TRP C 106 16.03 -12.16 -10.33
N THR C 107 15.29 -12.24 -11.41
CA THR C 107 15.61 -13.16 -12.49
C THR C 107 16.52 -12.52 -13.50
N ARG C 108 17.44 -13.36 -13.99
CA ARG C 108 18.48 -12.99 -15.00
C ARG C 108 17.76 -12.53 -16.17
N MET C 109 18.21 -11.40 -16.72
CA MET C 109 17.70 -10.91 -18.01
C MET C 109 18.24 -11.72 -19.18
N ASP C 110 17.40 -11.91 -20.20
CA ASP C 110 17.79 -12.47 -21.51
C ASP C 110 17.97 -11.30 -22.47
N ILE C 111 19.21 -11.05 -22.90
CA ILE C 111 19.50 -10.08 -23.99
C ILE C 111 19.90 -10.75 -25.30
N ASP C 112 18.93 -10.70 -26.22
CA ASP C 112 19.02 -11.31 -27.55
C ASP C 112 19.15 -12.83 -27.33
N GLY C 113 18.32 -13.44 -26.48
CA GLY C 113 18.42 -14.89 -26.30
C GLY C 113 19.58 -15.39 -25.44
N LYS C 114 20.52 -14.54 -25.01
CA LYS C 114 21.56 -15.00 -24.03
C LYS C 114 21.42 -14.43 -22.62
N PRO C 115 21.44 -15.30 -21.62
CA PRO C 115 21.47 -14.88 -20.22
C PRO C 115 22.48 -13.76 -19.97
N HIS C 116 22.17 -12.71 -19.24
CA HIS C 116 23.18 -11.76 -19.04
C HIS C 116 24.05 -11.99 -17.77
N PRO C 117 25.39 -11.87 -17.85
CA PRO C 117 26.09 -12.26 -16.63
C PRO C 117 25.72 -11.47 -15.39
N HIS C 118 25.10 -10.33 -15.52
CA HIS C 118 24.95 -9.52 -14.32
C HIS C 118 23.81 -8.48 -14.24
N SER C 119 22.71 -8.70 -14.96
CA SER C 119 21.55 -7.85 -14.88
C SER C 119 20.32 -8.67 -14.65
N PHE C 120 19.38 -8.11 -13.85
CA PHE C 120 18.25 -8.84 -13.41
C PHE C 120 17.06 -7.99 -13.40
N ILE C 121 15.93 -8.65 -13.44
CA ILE C 121 14.68 -7.95 -13.48
C ILE C 121 13.78 -8.53 -12.38
N ARG C 122 13.07 -7.63 -11.70
CA ARG C 122 12.02 -8.02 -10.79
C ARG C 122 10.79 -8.51 -11.62
N ASP C 123 10.87 -9.74 -12.09
CA ASP C 123 9.82 -10.25 -12.92
C ASP C 123 8.53 -10.70 -12.26
N SER C 124 8.15 -10.28 -11.06
CA SER C 124 6.83 -10.74 -10.49
C SER C 124 6.83 -10.34 -9.02
N GLU C 125 5.66 -10.07 -8.44
CA GLU C 125 5.73 -9.78 -6.99
C GLU C 125 5.61 -11.10 -6.06
N GLU C 126 5.69 -12.29 -6.69
CA GLU C 126 5.60 -13.58 -6.04
C GLU C 126 6.75 -13.78 -5.09
N LYS C 127 6.49 -14.29 -3.88
CA LYS C 127 7.58 -14.43 -2.94
C LYS C 127 7.89 -15.94 -2.70
N ARG C 128 9.09 -16.27 -2.29
CA ARG C 128 9.36 -17.65 -1.77
C ARG C 128 9.74 -17.43 -0.33
N ASN C 129 9.06 -18.12 0.57
CA ASN C 129 9.20 -17.82 2.03
C ASN C 129 9.58 -19.05 2.78
N VAL C 130 10.30 -18.85 3.89
CA VAL C 130 10.43 -19.89 4.97
C VAL C 130 10.05 -19.36 6.37
N GLN C 131 9.38 -20.17 7.20
CA GLN C 131 9.37 -19.89 8.65
C GLN C 131 10.21 -20.95 9.42
N VAL C 132 11.16 -20.54 10.21
CA VAL C 132 12.02 -21.56 10.77
C VAL C 132 12.01 -21.33 12.26
N ASP C 133 11.49 -22.35 12.98
CA ASP C 133 11.49 -22.39 14.51
C ASP C 133 12.58 -23.23 15.12
N VAL C 134 13.56 -22.62 15.74
CA VAL C 134 14.67 -23.42 16.25
C VAL C 134 14.56 -23.40 17.77
N VAL C 135 13.95 -24.47 18.32
CA VAL C 135 13.73 -24.59 19.80
C VAL C 135 14.69 -25.55 20.53
N GLU C 136 15.36 -25.16 21.63
CA GLU C 136 16.18 -26.12 22.45
C GLU C 136 15.61 -27.51 22.64
N GLY C 137 16.40 -28.47 22.15
CA GLY C 137 16.04 -29.86 22.09
C GLY C 137 14.59 -30.11 21.74
N LYS C 138 14.05 -29.41 20.74
CA LYS C 138 13.09 -30.06 19.87
C LYS C 138 13.56 -29.85 18.46
N GLY C 139 14.81 -29.51 18.28
CA GLY C 139 15.29 -29.34 16.90
C GLY C 139 14.67 -28.21 16.08
N ILE C 140 14.32 -28.49 14.81
CA ILE C 140 14.07 -27.47 13.76
C ILE C 140 12.82 -27.81 12.96
N ASP C 141 11.75 -27.03 13.22
CA ASP C 141 10.55 -27.07 12.39
C ASP C 141 10.67 -26.06 11.27
N ILE C 142 10.23 -26.43 10.10
CA ILE C 142 10.39 -25.55 8.99
C ILE C 142 9.15 -25.62 8.18
N LYS C 143 8.42 -24.51 8.12
CA LYS C 143 7.32 -24.27 7.17
C LYS C 143 7.95 -23.54 5.93
N SER C 144 7.89 -24.13 4.74
CA SER C 144 8.25 -23.42 3.49
C SER C 144 6.98 -23.02 2.77
N SER C 145 7.06 -21.95 1.94
CA SER C 145 5.90 -21.53 1.12
C SER C 145 6.23 -20.58 -0.05
N LEU C 146 5.25 -20.49 -0.97
CA LEU C 146 5.16 -19.43 -1.97
C LEU C 146 3.84 -18.63 -1.80
N SER C 147 3.86 -17.36 -2.15
CA SER C 147 2.65 -16.46 -2.01
C SER C 147 2.80 -15.40 -3.06
N GLY C 148 1.86 -14.49 -3.21
CA GLY C 148 1.94 -13.53 -4.33
C GLY C 148 1.81 -14.19 -5.72
N LEU C 149 1.19 -15.35 -5.90
CA LEU C 149 1.13 -15.97 -7.24
C LEU C 149 -0.25 -15.69 -7.77
N THR C 150 -0.35 -14.86 -8.78
CA THR C 150 -1.71 -14.48 -9.17
C THR C 150 -2.02 -15.02 -10.56
N VAL C 151 -3.19 -15.68 -10.67
CA VAL C 151 -3.52 -16.45 -11.84
C VAL C 151 -4.99 -16.25 -12.15
N LEU C 152 -5.35 -16.44 -13.42
CA LEU C 152 -6.79 -16.31 -13.82
C LEU C 152 -6.99 -17.31 -14.92
N LYS C 153 -8.13 -18.01 -14.88
CA LYS C 153 -8.53 -18.76 -16.06
C LYS C 153 -9.92 -18.31 -16.42
N SER C 154 -10.14 -18.13 -17.70
CA SER C 154 -11.30 -17.38 -18.19
C SER C 154 -12.44 -18.25 -18.64
N THR C 155 -12.19 -19.55 -18.72
CA THR C 155 -13.26 -20.53 -18.75
C THR C 155 -12.83 -21.81 -18.02
N ASN C 156 -13.66 -22.89 -18.04
CA ASN C 156 -13.39 -24.22 -17.37
C ASN C 156 -13.33 -24.11 -15.91
N SER C 157 -14.37 -23.50 -15.37
CA SER C 157 -14.55 -23.40 -13.96
C SER C 157 -16.05 -23.30 -13.83
N GLN C 158 -16.57 -24.01 -12.82
CA GLN C 158 -18.04 -24.02 -12.66
C GLN C 158 -18.46 -23.86 -11.24
N PHE C 159 -19.70 -23.49 -11.04
CA PHE C 159 -20.24 -23.44 -9.67
C PHE C 159 -21.77 -23.55 -9.63
N TRP C 160 -22.23 -24.72 -9.17
CA TRP C 160 -23.63 -25.20 -9.17
C TRP C 160 -23.76 -26.36 -8.16
N GLY C 161 -24.99 -26.58 -7.68
CA GLY C 161 -25.29 -27.69 -6.80
C GLY C 161 -24.85 -27.37 -5.40
N PHE C 162 -24.88 -26.10 -5.04
CA PHE C 162 -24.62 -25.63 -3.65
C PHE C 162 -25.92 -25.44 -2.91
N LEU C 163 -25.86 -25.39 -1.59
CA LEU C 163 -27.03 -25.29 -0.75
C LEU C 163 -27.81 -24.03 -1.14
N ARG C 164 -29.13 -24.10 -1.31
CA ARG C 164 -29.96 -22.88 -1.58
C ARG C 164 -30.93 -22.70 -0.44
N ASP C 165 -31.18 -21.48 0.00
CA ASP C 165 -32.13 -21.25 1.11
C ASP C 165 -32.50 -19.81 1.04
N GLU C 166 -33.04 -19.21 2.10
CA GLU C 166 -33.59 -17.88 1.94
C GLU C 166 -32.48 -16.78 2.09
N TYR C 167 -31.23 -17.21 2.23
CA TYR C 167 -30.13 -16.30 2.19
C TYR C 167 -29.45 -16.32 0.81
N THR C 168 -29.89 -17.20 -0.10
CA THR C 168 -29.16 -17.41 -1.35
C THR C 168 -29.72 -16.55 -2.50
N THR C 169 -28.86 -15.88 -3.27
CA THR C 169 -29.34 -15.20 -4.47
C THR C 169 -28.50 -15.59 -5.61
N LEU C 170 -27.34 -16.20 -5.32
CA LEU C 170 -26.38 -16.64 -6.32
C LEU C 170 -27.00 -17.57 -7.38
N LYS C 171 -26.89 -17.19 -8.65
CA LYS C 171 -27.28 -18.02 -9.84
C LYS C 171 -26.34 -19.23 -10.04
N GLU C 172 -26.81 -20.48 -10.24
CA GLU C 172 -25.87 -21.59 -10.60
C GLU C 172 -25.24 -21.29 -11.94
N THR C 173 -24.01 -21.72 -12.23
CA THR C 173 -23.38 -21.33 -13.52
C THR C 173 -22.47 -22.45 -13.98
N TRP C 174 -22.32 -22.69 -15.30
CA TRP C 174 -21.43 -23.79 -15.76
C TRP C 174 -20.16 -23.32 -16.49
N ASP C 175 -20.11 -22.03 -16.81
CA ASP C 175 -18.89 -21.31 -17.30
C ASP C 175 -18.69 -20.00 -16.55
N ARG C 176 -17.53 -19.83 -15.88
CA ARG C 176 -17.27 -18.57 -15.19
C ARG C 176 -15.77 -18.39 -15.11
N ILE C 177 -15.35 -17.16 -14.79
CA ILE C 177 -13.94 -16.79 -14.59
C ILE C 177 -13.49 -17.23 -13.19
N LEU C 178 -12.28 -17.78 -13.09
CA LEU C 178 -11.72 -18.12 -11.80
C LEU C 178 -10.42 -17.44 -11.66
N SER C 179 -10.31 -16.55 -10.69
CA SER C 179 -9.00 -15.92 -10.33
C SER C 179 -8.73 -15.96 -8.83
N THR C 180 -7.44 -16.06 -8.49
CA THR C 180 -7.01 -16.12 -7.14
C THR C 180 -5.53 -15.79 -6.97
N ASP C 181 -5.14 -15.45 -5.75
CA ASP C 181 -3.72 -15.42 -5.35
C ASP C 181 -3.48 -16.79 -4.73
N VAL C 182 -2.29 -17.31 -4.86
CA VAL C 182 -2.12 -18.59 -4.28
C VAL C 182 -1.16 -18.41 -3.19
N ASP C 183 -1.58 -18.91 -2.07
CA ASP C 183 -0.68 -18.89 -1.02
C ASP C 183 -0.53 -20.36 -0.65
N ALA C 184 0.70 -20.91 -0.60
CA ALA C 184 0.82 -22.38 -0.39
C ALA C 184 1.99 -22.77 0.53
N THR C 185 1.67 -23.60 1.52
CA THR C 185 2.63 -23.85 2.62
C THR C 185 2.94 -25.33 2.79
N TRP C 186 4.19 -25.74 2.65
CA TRP C 186 4.48 -27.15 2.95
C TRP C 186 5.25 -27.21 4.25
N GLN C 187 4.77 -28.07 5.15
CA GLN C 187 5.43 -28.25 6.42
C GLN C 187 6.40 -29.44 6.42
N TRP C 188 7.66 -29.22 6.71
CA TRP C 188 8.57 -30.36 6.72
C TRP C 188 8.51 -31.19 8.02
N LYS C 189 8.82 -32.48 7.93
CA LYS C 189 8.97 -33.28 9.15
C LYS C 189 10.07 -32.63 10.03
N ASN C 190 9.87 -32.57 11.33
CA ASN C 190 10.85 -32.01 12.21
C ASN C 190 12.29 -32.49 11.91
N PHE C 191 13.31 -31.63 11.95
CA PHE C 191 14.69 -32.11 11.80
C PHE C 191 15.39 -32.04 13.13
N SER C 192 16.31 -32.94 13.38
CA SER C 192 16.96 -33.01 14.67
C SER C 192 18.06 -31.92 14.91
N GLY C 193 18.69 -31.37 13.86
CA GLY C 193 19.62 -30.24 14.10
C GLY C 193 20.17 -29.83 12.77
N LEU C 194 21.16 -28.97 12.77
CA LEU C 194 21.70 -28.43 11.52
C LEU C 194 22.14 -29.50 10.54
N GLN C 195 22.83 -30.45 11.12
CA GLN C 195 23.34 -31.60 10.45
C GLN C 195 22.28 -32.24 9.60
N GLU C 196 21.21 -32.65 10.24
CA GLU C 196 20.17 -33.23 9.45
C GLU C 196 19.71 -32.26 8.31
N VAL C 197 19.67 -30.95 8.57
CA VAL C 197 19.20 -29.97 7.59
C VAL C 197 20.15 -29.86 6.41
N ARG C 198 21.47 -29.89 6.61
CA ARG C 198 22.40 -29.86 5.45
C ARG C 198 22.30 -31.09 4.59
N SER C 199 22.02 -32.23 5.18
CA SER C 199 21.92 -33.39 4.33
C SER C 199 20.57 -33.49 3.60
N HIS C 200 19.67 -32.56 3.82
CA HIS C 200 18.55 -32.54 2.85
C HIS C 200 18.52 -31.37 1.85
N VAL C 201 19.61 -30.60 1.86
CA VAL C 201 19.67 -29.37 1.07
C VAL C 201 19.08 -29.53 -0.36
N PRO C 202 19.53 -30.51 -1.12
CA PRO C 202 18.90 -30.49 -2.48
C PRO C 202 17.38 -30.63 -2.56
N LYS C 203 16.73 -31.09 -1.49
CA LYS C 203 15.30 -31.36 -1.55
C LYS C 203 14.46 -30.07 -1.44
N PHE C 204 15.08 -29.05 -0.86
CA PHE C 204 14.44 -27.72 -0.70
C PHE C 204 13.99 -27.06 -2.03
N ASP C 205 14.95 -26.75 -2.90
CA ASP C 205 14.65 -26.11 -4.18
C ASP C 205 13.74 -27.01 -5.00
N ALA C 206 13.99 -28.30 -4.95
CA ALA C 206 13.18 -29.18 -5.77
C ALA C 206 11.75 -29.15 -5.29
N THR C 207 11.52 -29.09 -3.99
CA THR C 207 10.11 -29.14 -3.56
C THR C 207 9.46 -27.78 -3.90
N TRP C 208 10.16 -26.68 -3.74
CA TRP C 208 9.54 -25.44 -4.14
C TRP C 208 9.14 -25.51 -5.64
N ALA C 209 10.06 -26.01 -6.46
CA ALA C 209 9.78 -26.08 -7.90
C ALA C 209 8.60 -26.99 -8.22
N THR C 210 8.55 -28.15 -7.60
CA THR C 210 7.41 -29.04 -7.76
C THR C 210 6.13 -28.36 -7.25
N ALA C 211 6.20 -27.81 -6.04
CA ALA C 211 5.00 -27.20 -5.49
C ALA C 211 4.44 -26.17 -6.47
N ARG C 212 5.34 -25.35 -7.02
CA ARG C 212 4.91 -24.31 -7.92
C ARG C 212 4.30 -24.96 -9.17
N GLU C 213 4.97 -25.96 -9.67
CA GLU C 213 4.54 -26.42 -10.93
C GLU C 213 3.22 -27.24 -10.92
N VAL C 214 3.09 -28.05 -9.86
CA VAL C 214 1.85 -28.75 -9.53
C VAL C 214 0.69 -27.78 -9.41
N THR C 215 0.97 -26.59 -8.82
CA THR C 215 -0.07 -25.52 -8.62
C THR C 215 -0.49 -24.99 -9.95
N LEU C 216 0.51 -24.55 -10.71
CA LEU C 216 0.24 -24.04 -12.07
C LEU C 216 -0.56 -25.04 -12.90
N LYS C 217 0.05 -26.18 -13.17
CA LYS C 217 -0.63 -27.24 -13.96
C LYS C 217 -2.01 -27.66 -13.44
N THR C 218 -2.18 -27.93 -12.14
CA THR C 218 -3.51 -28.30 -11.71
C THR C 218 -4.48 -27.18 -11.91
N PHE C 219 -4.08 -25.95 -11.53
CA PHE C 219 -5.02 -24.84 -11.72
C PHE C 219 -5.43 -24.78 -13.19
N ALA C 220 -4.48 -24.78 -14.13
CA ALA C 220 -4.81 -24.70 -15.54
C ALA C 220 -5.69 -25.87 -16.07
N GLU C 221 -5.35 -27.11 -15.69
CA GLU C 221 -6.05 -28.28 -16.23
C GLU C 221 -7.35 -28.73 -15.59
N ASP C 222 -7.57 -28.39 -14.37
CA ASP C 222 -8.67 -29.01 -13.70
C ASP C 222 -9.90 -28.35 -14.22
N ASN C 223 -10.96 -29.10 -14.44
CA ASN C 223 -12.18 -28.46 -14.85
C ASN C 223 -13.08 -28.46 -13.63
N SER C 224 -12.83 -27.61 -12.67
CA SER C 224 -13.53 -27.96 -11.44
C SER C 224 -14.85 -27.32 -11.21
N ALA C 225 -15.62 -27.94 -10.30
CA ALA C 225 -16.88 -27.32 -9.83
C ALA C 225 -16.68 -26.75 -8.45
N SER C 226 -15.46 -26.83 -7.96
CA SER C 226 -15.19 -26.57 -6.56
C SER C 226 -13.78 -26.03 -6.53
N VAL C 227 -13.59 -24.83 -6.03
CA VAL C 227 -12.21 -24.48 -5.68
C VAL C 227 -11.58 -25.48 -4.67
N GLN C 228 -12.40 -25.90 -3.73
CA GLN C 228 -12.02 -26.92 -2.74
C GLN C 228 -11.49 -28.20 -3.38
N ALA C 229 -12.23 -28.64 -4.36
CA ALA C 229 -11.83 -29.84 -5.02
C ALA C 229 -10.47 -29.60 -5.66
N THR C 230 -10.29 -28.44 -6.24
CA THR C 230 -9.04 -28.21 -6.96
C THR C 230 -7.85 -28.06 -5.99
N MET C 231 -8.06 -27.36 -4.86
CA MET C 231 -6.94 -27.18 -3.94
C MET C 231 -6.49 -28.54 -3.41
N TYR C 232 -7.49 -29.37 -3.13
CA TYR C 232 -7.22 -30.73 -2.68
C TYR C 232 -6.42 -31.57 -3.70
N LYS C 233 -6.73 -31.48 -4.98
CA LYS C 233 -5.86 -32.17 -5.91
C LYS C 233 -4.42 -31.71 -5.81
N MET C 234 -4.19 -30.40 -5.58
CA MET C 234 -2.83 -29.89 -5.59
C MET C 234 -2.10 -30.48 -4.40
N ALA C 235 -2.73 -30.47 -3.26
CA ALA C 235 -2.06 -30.85 -2.04
C ALA C 235 -1.70 -32.34 -2.12
N GLU C 236 -2.64 -33.19 -2.55
CA GLU C 236 -2.37 -34.60 -2.77
C GLU C 236 -1.15 -34.85 -3.61
N GLN C 237 -1.02 -34.17 -4.72
CA GLN C 237 0.18 -34.39 -5.48
C GLN C 237 1.46 -33.98 -4.80
N ILE C 238 1.40 -32.93 -4.00
CA ILE C 238 2.65 -32.51 -3.47
C ILE C 238 3.01 -33.58 -2.50
N LEU C 239 2.05 -34.02 -1.69
CA LEU C 239 2.32 -34.96 -0.68
C LEU C 239 2.88 -36.27 -1.23
N ALA C 240 2.35 -36.72 -2.38
CA ALA C 240 2.90 -37.92 -3.04
C ALA C 240 4.35 -37.80 -3.57
N ARG C 241 4.83 -36.61 -3.91
CA ARG C 241 6.23 -36.50 -4.40
C ARG C 241 7.30 -36.08 -3.42
N GLN C 242 6.94 -35.73 -2.18
CA GLN C 242 8.01 -35.53 -1.21
C GLN C 242 7.67 -36.16 0.12
N GLN C 243 8.42 -37.18 0.51
CA GLN C 243 8.19 -37.88 1.77
C GLN C 243 8.39 -37.01 2.98
N LEU C 244 9.44 -36.21 3.00
CA LEU C 244 9.72 -35.42 4.18
C LEU C 244 8.67 -34.30 4.52
N ILE C 245 7.67 -34.08 3.63
CA ILE C 245 6.60 -33.17 3.93
C ILE C 245 5.54 -33.92 4.74
N GLU C 246 5.17 -33.32 5.87
CA GLU C 246 4.05 -33.77 6.58
C GLU C 246 2.71 -33.22 6.20
N THR C 247 2.58 -31.89 6.12
CA THR C 247 1.28 -31.25 5.74
C THR C 247 1.51 -30.30 4.60
N VAL C 248 0.49 -30.14 3.77
CA VAL C 248 0.41 -29.02 2.80
C VAL C 248 -0.73 -28.03 3.18
N GLU C 249 -0.50 -26.74 3.20
CA GLU C 249 -1.63 -25.82 3.42
C GLU C 249 -1.96 -24.90 2.27
N TYR C 250 -3.21 -24.81 1.86
CA TYR C 250 -3.47 -23.86 0.78
C TYR C 250 -4.42 -22.83 1.30
N SER C 251 -4.11 -21.61 0.90
CA SER C 251 -5.04 -20.51 1.17
C SER C 251 -5.30 -19.67 -0.14
N LEU C 252 -6.51 -19.71 -0.66
CA LEU C 252 -6.84 -19.11 -2.00
C LEU C 252 -7.96 -18.06 -1.87
N PRO C 253 -7.61 -16.81 -2.05
CA PRO C 253 -8.65 -15.77 -2.01
C PRO C 253 -9.23 -15.76 -3.32
N ASN C 254 -10.52 -15.97 -3.50
CA ASN C 254 -10.97 -15.71 -4.85
C ASN C 254 -11.56 -14.38 -5.20
N LYS C 255 -10.81 -13.67 -6.03
CA LYS C 255 -11.18 -12.46 -6.73
C LYS C 255 -12.31 -12.66 -7.70
N HIS C 256 -13.48 -12.06 -7.46
CA HIS C 256 -14.63 -12.12 -8.41
C HIS C 256 -14.63 -11.17 -9.62
N TYR C 257 -15.06 -11.73 -10.76
CA TYR C 257 -15.32 -10.95 -11.98
C TYR C 257 -16.82 -10.90 -12.33
N PHE C 258 -17.55 -9.82 -12.04
CA PHE C 258 -19.00 -9.83 -12.31
C PHE C 258 -19.38 -9.61 -13.82
N GLU C 259 -20.48 -10.23 -14.24
CA GLU C 259 -21.13 -9.94 -15.51
C GLU C 259 -21.75 -8.57 -15.42
N ILE C 260 -21.79 -7.88 -16.54
CA ILE C 260 -22.46 -6.59 -16.58
C ILE C 260 -23.63 -6.67 -17.57
N ASP C 261 -24.86 -6.51 -17.05
CA ASP C 261 -25.99 -6.53 -17.91
C ASP C 261 -26.07 -5.22 -18.68
N LEU C 262 -25.88 -5.27 -20.01
CA LEU C 262 -25.96 -4.03 -20.78
C LEU C 262 -27.23 -3.98 -21.64
N SER C 263 -28.16 -4.90 -21.38
CA SER C 263 -29.35 -5.07 -22.20
C SER C 263 -30.33 -3.84 -22.23
N TRP C 264 -30.46 -3.09 -21.12
CA TRP C 264 -31.14 -1.78 -21.13
C TRP C 264 -30.63 -0.76 -22.22
N HIS C 265 -29.52 -1.05 -22.88
CA HIS C 265 -29.01 -0.11 -23.88
C HIS C 265 -28.98 -0.73 -25.26
N LYS C 266 -29.94 -0.31 -26.11
CA LYS C 266 -30.06 -0.77 -27.48
C LYS C 266 -30.02 -2.27 -27.54
N GLY C 267 -30.84 -2.91 -26.68
CA GLY C 267 -30.87 -4.34 -26.44
C GLY C 267 -29.52 -5.06 -26.42
N LEU C 268 -28.54 -4.51 -25.72
CA LEU C 268 -27.23 -5.06 -25.88
C LEU C 268 -26.95 -6.33 -25.03
N GLN C 269 -26.26 -7.25 -25.72
CA GLN C 269 -26.07 -8.70 -25.45
C GLN C 269 -24.80 -9.12 -24.68
N ASN C 270 -24.84 -9.13 -23.33
CA ASN C 270 -23.58 -9.29 -22.56
C ASN C 270 -23.55 -10.29 -21.40
N THR C 271 -24.62 -11.07 -21.22
CA THR C 271 -24.66 -12.06 -20.17
C THR C 271 -24.62 -13.46 -20.73
N GLY C 272 -24.79 -14.43 -19.83
CA GLY C 272 -24.32 -15.76 -20.06
C GLY C 272 -23.36 -15.97 -21.24
N LYS C 273 -23.93 -16.36 -22.36
CA LYS C 273 -23.12 -16.98 -23.37
C LYS C 273 -22.39 -15.95 -24.21
N ASN C 274 -22.92 -14.72 -24.25
CA ASN C 274 -22.32 -13.56 -24.96
C ASN C 274 -21.57 -12.63 -24.02
N ALA C 275 -21.21 -13.08 -22.81
CA ALA C 275 -20.52 -12.20 -21.85
C ALA C 275 -19.14 -11.97 -22.40
N GLU C 276 -18.78 -10.70 -22.56
CA GLU C 276 -17.45 -10.45 -23.02
C GLU C 276 -16.74 -9.41 -22.14
N VAL C 277 -17.52 -8.53 -21.53
CA VAL C 277 -16.97 -7.47 -20.80
C VAL C 277 -17.40 -7.62 -19.37
N PHE C 278 -16.42 -7.76 -18.46
CA PHE C 278 -16.74 -7.89 -17.03
C PHE C 278 -16.13 -6.78 -16.09
N ALA C 279 -16.69 -6.70 -14.90
CA ALA C 279 -16.32 -5.78 -13.87
C ALA C 279 -15.58 -6.56 -12.79
N PRO C 280 -14.26 -6.60 -12.84
CA PRO C 280 -13.46 -7.24 -11.79
C PRO C 280 -13.78 -6.52 -10.51
N GLN C 281 -13.98 -7.23 -9.38
CA GLN C 281 -14.29 -6.57 -8.08
C GLN C 281 -13.14 -6.44 -7.09
N SER C 282 -12.90 -5.25 -6.55
CA SER C 282 -11.85 -5.25 -5.57
C SER C 282 -12.17 -6.01 -4.25
N ASP C 283 -13.46 -6.08 -3.89
CA ASP C 283 -13.86 -6.61 -2.58
C ASP C 283 -15.36 -6.64 -2.70
N PRO C 284 -16.03 -7.54 -1.97
CA PRO C 284 -15.39 -8.54 -1.11
C PRO C 284 -14.89 -9.66 -2.02
N ASN C 285 -14.34 -10.70 -1.38
CA ASN C 285 -13.82 -11.93 -2.00
C ASN C 285 -13.99 -13.12 -1.02
N GLY C 286 -14.37 -14.29 -1.59
CA GLY C 286 -14.20 -15.61 -1.03
C GLY C 286 -12.78 -15.88 -0.51
N LEU C 287 -12.71 -16.74 0.52
CA LEU C 287 -11.39 -17.17 1.02
C LEU C 287 -11.60 -18.69 1.39
N ILE C 288 -10.89 -19.61 0.68
CA ILE C 288 -10.98 -21.06 0.90
C ILE C 288 -9.63 -21.47 1.40
N LYS C 289 -9.60 -22.26 2.48
CA LYS C 289 -8.40 -22.69 3.11
C LYS C 289 -8.40 -24.25 3.27
N CYS C 290 -7.29 -24.92 3.16
CA CYS C 290 -7.24 -26.15 3.90
C CYS C 290 -5.86 -26.71 4.19
N THR C 291 -5.72 -27.43 5.32
CA THR C 291 -4.53 -28.32 5.60
C THR C 291 -4.77 -29.79 5.15
N VAL C 292 -3.83 -30.33 4.41
CA VAL C 292 -4.01 -31.66 3.94
C VAL C 292 -2.83 -32.41 4.43
N GLY C 293 -3.07 -33.58 5.05
CA GLY C 293 -2.02 -34.45 5.58
C GLY C 293 -2.09 -35.83 5.02
N ARG C 294 -1.26 -36.69 5.58
CA ARG C 294 -1.28 -38.12 5.18
C ARG C 294 -2.46 -38.94 5.81
N SER C 295 -3.08 -39.82 5.04
CA SER C 295 -4.12 -40.75 5.55
C SER C 295 -3.57 -41.82 6.51
N SER C 296 -4.33 -42.25 7.48
CA SER C 296 -3.85 -43.36 8.29
C SER C 296 -4.29 -44.73 7.76
N LEU C 297 -5.22 -44.79 6.77
CA LEU C 297 -5.55 -46.09 6.14
C LEU C 297 -4.38 -46.75 5.39
N LYS C 298 -4.49 -48.02 4.98
CA LYS C 298 -3.30 -48.67 4.36
C LYS C 298 -3.44 -49.03 2.82
N SER C 299 -2.31 -49.19 2.11
N ALA D 2 -5.62 -36.80 3.42
CA ALA D 2 -6.73 -36.64 4.31
C ALA D 2 -6.83 -35.11 4.65
N VAL D 3 -8.07 -34.59 4.77
CA VAL D 3 -8.21 -33.23 5.28
C VAL D 3 -7.83 -33.02 6.76
N LYS D 4 -6.76 -32.36 7.14
CA LYS D 4 -6.60 -32.19 8.55
C LYS D 4 -7.31 -30.93 9.06
N ALA D 5 -7.81 -30.03 8.19
CA ALA D 5 -8.48 -28.72 8.63
C ALA D 5 -9.08 -28.05 7.37
N ALA D 6 -10.22 -27.38 7.50
CA ALA D 6 -10.79 -26.66 6.39
C ALA D 6 -11.65 -25.55 6.93
N ARG D 7 -11.56 -24.35 6.39
CA ARG D 7 -12.56 -23.29 6.61
C ARG D 7 -12.66 -22.51 5.34
N TYR D 8 -13.77 -21.82 5.17
CA TYR D 8 -14.00 -21.10 3.93
C TYR D 8 -15.04 -20.04 4.36
N GLY D 9 -15.16 -18.95 3.58
CA GLY D 9 -16.02 -17.84 3.97
C GLY D 9 -15.78 -16.64 3.08
N LYS D 10 -16.10 -15.45 3.58
CA LYS D 10 -16.07 -14.26 2.80
C LYS D 10 -15.22 -13.31 3.57
N ASP D 11 -14.18 -12.80 2.91
CA ASP D 11 -13.35 -11.77 3.51
C ASP D 11 -13.68 -10.37 2.92
N ASN D 12 -13.33 -9.33 3.67
CA ASN D 12 -13.42 -7.94 3.17
C ASN D 12 -14.78 -7.50 2.76
N VAL D 13 -15.76 -7.66 3.62
CA VAL D 13 -17.10 -7.20 3.30
C VAL D 13 -17.25 -5.92 4.05
N ARG D 14 -17.38 -4.85 3.27
CA ARG D 14 -17.49 -3.50 3.82
C ARG D 14 -18.92 -3.22 4.20
N VAL D 15 -19.09 -2.67 5.37
CA VAL D 15 -20.46 -2.49 5.86
C VAL D 15 -20.55 -1.17 6.48
N TYR D 16 -21.56 -0.45 6.00
CA TYR D 16 -21.90 0.87 6.59
C TYR D 16 -23.35 0.79 7.15
N LYS D 17 -23.50 1.35 8.35
CA LYS D 17 -24.81 1.53 8.87
C LYS D 17 -25.05 2.82 9.59
N VAL D 18 -26.24 3.37 9.34
CA VAL D 18 -26.55 4.64 10.00
C VAL D 18 -27.68 4.54 11.01
N HIS D 19 -27.54 5.25 12.09
CA HIS D 19 -28.60 5.36 13.06
C HIS D 19 -29.24 6.76 13.18
N LYS D 20 -30.40 6.98 12.55
CA LYS D 20 -31.08 8.32 12.56
C LYS D 20 -31.94 8.55 13.85
N ASP D 21 -31.51 9.27 14.88
CA ASP D 21 -32.45 9.63 15.97
C ASP D 21 -33.54 10.71 15.58
N GLU D 22 -34.84 10.34 15.33
CA GLU D 22 -35.91 11.36 14.86
C GLU D 22 -36.35 12.47 15.85
N LYS D 23 -36.24 12.14 17.16
CA LYS D 23 -36.35 13.12 18.25
C LYS D 23 -35.37 14.29 17.95
N THR D 24 -34.09 14.11 18.32
CA THR D 24 -33.08 15.18 18.34
C THR D 24 -32.56 15.60 16.95
N GLY D 25 -32.81 14.79 15.91
CA GLY D 25 -32.22 14.97 14.56
C GLY D 25 -30.83 14.25 14.36
N VAL D 26 -29.99 14.18 15.42
CA VAL D 26 -28.67 13.52 15.42
C VAL D 26 -28.48 12.16 14.63
N GLN D 27 -27.57 12.11 13.63
CA GLN D 27 -27.24 10.83 13.03
C GLN D 27 -25.93 10.27 13.57
N THR D 28 -25.80 8.94 13.47
CA THR D 28 -24.58 8.26 13.99
C THR D 28 -24.24 7.21 13.02
N VAL D 29 -22.97 7.15 12.63
CA VAL D 29 -22.58 6.21 11.58
C VAL D 29 -21.54 5.27 12.09
N TYR D 30 -21.51 4.11 11.45
CA TYR D 30 -20.66 2.95 11.81
C TYR D 30 -20.21 2.32 10.57
N GLU D 31 -18.91 2.07 10.49
CA GLU D 31 -18.37 1.49 9.26
C GLU D 31 -17.39 0.42 9.65
N MET D 32 -17.53 -0.71 9.00
CA MET D 32 -16.67 -1.83 9.42
C MET D 32 -16.43 -2.74 8.29
N THR D 33 -15.37 -3.51 8.44
CA THR D 33 -15.01 -4.50 7.38
C THR D 33 -15.07 -5.90 8.04
N VAL D 34 -15.69 -6.82 7.34
CA VAL D 34 -16.12 -8.00 8.05
C VAL D 34 -15.63 -9.19 7.32
N CYS D 35 -15.16 -10.14 8.12
CA CYS D 35 -14.62 -11.38 7.67
C CYS D 35 -15.27 -12.55 8.44
N VAL D 36 -15.90 -13.46 7.67
CA VAL D 36 -16.53 -14.66 8.27
C VAL D 36 -16.03 -15.95 7.63
N LEU D 37 -15.41 -16.82 8.46
CA LEU D 37 -15.07 -18.16 7.98
C LEU D 37 -15.77 -19.23 8.80
N LEU D 38 -16.24 -20.27 8.12
CA LEU D 38 -17.01 -21.38 8.71
C LEU D 38 -16.22 -22.67 8.74
N GLU D 39 -16.30 -23.46 9.82
CA GLU D 39 -15.91 -24.90 9.77
C GLU D 39 -17.05 -25.89 9.92
N GLY D 40 -16.92 -27.09 9.37
CA GLY D 40 -17.87 -28.14 9.67
C GLY D 40 -17.81 -29.36 8.78
N GLU D 41 -18.96 -30.03 8.61
CA GLU D 41 -19.03 -31.28 7.88
C GLU D 41 -18.90 -31.09 6.39
N ILE D 42 -17.76 -30.51 6.03
CA ILE D 42 -17.50 -30.07 4.68
C ILE D 42 -16.36 -30.82 3.97
N GLU D 43 -15.60 -31.75 4.64
CA GLU D 43 -14.57 -32.66 3.98
C GLU D 43 -14.94 -32.91 2.57
N THR D 44 -16.20 -33.16 2.31
CA THR D 44 -16.53 -33.80 1.03
C THR D 44 -16.50 -32.84 -0.16
N SER D 45 -16.64 -31.54 0.11
CA SER D 45 -16.46 -30.59 -0.98
C SER D 45 -15.01 -30.57 -1.50
N TYR D 46 -14.04 -30.80 -0.61
CA TYR D 46 -12.64 -31.00 -0.98
C TYR D 46 -12.37 -32.38 -1.57
N THR D 47 -12.90 -33.43 -0.94
CA THR D 47 -12.51 -34.77 -1.34
C THR D 47 -13.30 -35.25 -2.54
N LYS D 48 -14.55 -34.87 -2.64
CA LYS D 48 -15.46 -35.61 -3.49
C LYS D 48 -16.12 -34.66 -4.46
N ALA D 49 -15.61 -33.42 -4.55
CA ALA D 49 -16.25 -32.32 -5.30
C ALA D 49 -17.72 -32.12 -4.94
N ASP D 50 -18.13 -32.48 -3.74
CA ASP D 50 -19.54 -32.39 -3.40
C ASP D 50 -19.99 -30.97 -2.93
N ASN D 51 -20.69 -30.22 -3.75
CA ASN D 51 -21.01 -28.87 -3.28
C ASN D 51 -22.22 -28.80 -2.38
N SER D 52 -22.98 -29.87 -2.17
CA SER D 52 -24.30 -29.69 -1.50
C SER D 52 -24.16 -29.22 -0.04
N VAL D 53 -22.96 -29.45 0.52
CA VAL D 53 -22.58 -29.09 1.88
C VAL D 53 -22.04 -27.68 2.01
N ILE D 54 -21.94 -26.98 0.89
CA ILE D 54 -21.44 -25.61 0.89
C ILE D 54 -22.52 -24.54 0.87
N VAL D 55 -22.61 -23.78 1.98
CA VAL D 55 -23.30 -22.48 2.01
C VAL D 55 -22.42 -21.50 1.21
N ALA D 56 -22.94 -20.94 0.13
CA ALA D 56 -22.10 -20.19 -0.78
C ALA D 56 -21.52 -18.93 -0.09
N THR D 57 -20.30 -18.58 -0.52
CA THR D 57 -19.65 -17.36 0.02
C THR D 57 -20.50 -16.09 -0.22
N ASP D 58 -21.19 -16.07 -1.38
CA ASP D 58 -22.13 -14.99 -1.68
C ASP D 58 -23.35 -14.90 -0.69
N SER D 59 -23.79 -16.04 -0.19
CA SER D 59 -24.90 -16.03 0.73
C SER D 59 -24.40 -15.58 2.06
N ILE D 60 -23.17 -15.97 2.42
CA ILE D 60 -22.56 -15.43 3.67
C ILE D 60 -22.56 -13.90 3.67
N LYS D 61 -22.31 -13.40 2.47
CA LYS D 61 -22.32 -11.99 2.24
C LYS D 61 -23.70 -11.41 2.61
N ASN D 62 -24.75 -11.93 1.96
CA ASN D 62 -26.13 -11.54 2.26
C ASN D 62 -26.45 -11.55 3.78
N THR D 63 -26.02 -12.60 4.42
CA THR D 63 -26.33 -12.76 5.79
C THR D 63 -25.74 -11.66 6.56
N ILE D 64 -24.55 -11.23 6.22
CA ILE D 64 -23.96 -10.13 6.98
C ILE D 64 -24.84 -8.87 6.90
N TYR D 65 -25.31 -8.58 5.69
CA TYR D 65 -26.05 -7.35 5.48
C TYR D 65 -27.36 -7.53 6.27
N ILE D 66 -27.99 -8.71 6.08
CA ILE D 66 -29.28 -9.00 6.70
C ILE D 66 -29.16 -8.87 8.18
N THR D 67 -28.20 -9.57 8.78
CA THR D 67 -27.93 -9.40 10.22
C THR D 67 -27.72 -7.98 10.67
N ALA D 68 -27.00 -7.13 9.89
CA ALA D 68 -26.75 -5.67 10.31
C ALA D 68 -28.00 -4.88 10.22
N LYS D 69 -28.78 -5.26 9.24
CA LYS D 69 -30.12 -4.70 9.11
C LYS D 69 -30.95 -4.84 10.36
N GLN D 70 -30.94 -6.03 10.92
CA GLN D 70 -31.87 -6.33 11.97
C GLN D 70 -31.32 -6.33 13.33
N ASN D 71 -30.06 -5.96 13.56
CA ASN D 71 -29.48 -6.09 14.89
C ASN D 71 -28.60 -4.95 15.18
N PRO D 72 -28.34 -4.72 16.44
CA PRO D 72 -27.30 -3.71 16.63
C PRO D 72 -25.96 -4.10 15.96
N VAL D 73 -25.17 -3.10 15.58
CA VAL D 73 -23.87 -3.41 15.09
C VAL D 73 -22.85 -2.94 16.05
N THR D 74 -23.25 -2.35 17.16
CA THR D 74 -22.28 -1.87 18.19
C THR D 74 -22.76 -2.45 19.55
N PRO D 75 -21.87 -2.81 20.43
CA PRO D 75 -20.43 -2.88 20.20
C PRO D 75 -20.11 -4.01 19.23
N PRO D 76 -18.90 -3.94 18.65
CA PRO D 76 -18.52 -4.99 17.64
C PRO D 76 -18.59 -6.40 18.28
N GLU D 77 -18.24 -6.51 19.58
CA GLU D 77 -18.27 -7.81 20.24
C GLU D 77 -19.68 -8.39 20.22
N LEU D 78 -20.70 -7.60 20.45
CA LEU D 78 -22.03 -8.14 20.33
C LEU D 78 -22.37 -8.51 18.93
N PHE D 79 -22.17 -7.60 18.01
CA PHE D 79 -22.45 -7.92 16.57
C PHE D 79 -21.75 -9.24 16.13
N GLY D 80 -20.47 -9.35 16.46
CA GLY D 80 -19.65 -10.48 15.97
C GLY D 80 -20.22 -11.72 16.59
N SER D 81 -20.57 -11.60 17.89
CA SER D 81 -21.36 -12.69 18.55
C SER D 81 -22.66 -13.03 17.91
N ILE D 82 -23.56 -12.08 17.69
CA ILE D 82 -24.81 -12.47 17.04
C ILE D 82 -24.49 -13.18 15.72
N LEU D 83 -23.65 -12.55 14.91
CA LEU D 83 -23.37 -12.99 13.57
C LEU D 83 -22.82 -14.42 13.57
N GLY D 84 -21.88 -14.71 14.44
CA GLY D 84 -21.34 -16.07 14.44
C GLY D 84 -22.33 -17.14 14.93
N THR D 85 -23.04 -16.78 16.03
CA THR D 85 -24.06 -17.65 16.59
C THR D 85 -25.05 -18.03 15.48
N HIS D 86 -25.42 -17.10 14.64
CA HIS D 86 -26.34 -17.44 13.57
C HIS D 86 -25.84 -18.59 12.73
N PHE D 87 -24.56 -18.62 12.41
CA PHE D 87 -24.18 -19.71 11.53
C PHE D 87 -24.25 -21.12 12.12
N ILE D 88 -23.79 -21.29 13.36
CA ILE D 88 -23.85 -22.59 14.02
C ILE D 88 -25.30 -23.02 14.24
N GLU D 89 -26.22 -22.07 14.43
CA GLU D 89 -27.69 -22.35 14.51
C GLU D 89 -28.45 -22.55 13.21
N LYS D 90 -28.28 -21.75 12.18
CA LYS D 90 -29.04 -22.03 10.97
C LYS D 90 -28.65 -23.34 10.30
N TYR D 91 -27.47 -23.87 10.58
CA TYR D 91 -27.00 -25.01 9.81
C TYR D 91 -26.39 -26.08 10.65
N ASN D 92 -26.87 -27.29 10.39
CA ASN D 92 -26.62 -28.47 11.24
C ASN D 92 -25.26 -28.97 10.99
N HIS D 93 -24.81 -28.95 9.74
CA HIS D 93 -23.48 -29.37 9.45
C HIS D 93 -22.39 -28.28 9.66
N ILE D 94 -22.72 -27.09 10.18
CA ILE D 94 -21.69 -26.09 10.41
C ILE D 94 -21.49 -26.03 11.90
N HIS D 95 -20.26 -26.17 12.40
CA HIS D 95 -20.06 -26.26 13.89
C HIS D 95 -19.12 -25.25 14.47
N ALA D 96 -18.49 -24.43 13.58
CA ALA D 96 -17.68 -23.31 14.05
C ALA D 96 -17.72 -22.10 13.12
N ALA D 97 -17.75 -20.93 13.75
CA ALA D 97 -17.76 -19.68 13.01
C ALA D 97 -16.71 -18.72 13.53
N HIS D 98 -15.87 -18.20 12.64
CA HIS D 98 -14.86 -17.21 13.02
C HIS D 98 -15.18 -15.90 12.36
N VAL D 99 -15.42 -14.90 13.20
CA VAL D 99 -15.86 -13.67 12.72
C VAL D 99 -14.86 -12.60 13.09
N ASN D 100 -14.49 -11.82 12.08
CA ASN D 100 -13.46 -10.76 12.27
C ASN D 100 -13.99 -9.44 11.87
N ILE D 101 -13.83 -8.45 12.75
CA ILE D 101 -14.49 -7.23 12.47
C ILE D 101 -13.52 -6.15 12.65
N VAL D 102 -13.34 -5.32 11.59
CA VAL D 102 -12.46 -4.10 11.70
C VAL D 102 -13.34 -2.88 11.75
N CYS D 103 -13.22 -2.09 12.85
CA CYS D 103 -14.02 -0.82 13.01
C CYS D 103 -13.22 0.37 12.58
N HIS D 104 -13.78 1.14 11.65
CA HIS D 104 -13.10 2.35 11.11
C HIS D 104 -13.61 3.56 11.80
N ARG D 105 -12.76 4.52 12.12
CA ARG D 105 -13.28 5.71 12.81
C ARG D 105 -14.10 6.72 11.96
N TRP D 106 -15.29 7.10 12.37
CA TRP D 106 -15.98 8.26 11.85
C TRP D 106 -16.37 9.10 13.06
N THR D 107 -15.47 9.94 13.55
CA THR D 107 -15.73 10.90 14.57
C THR D 107 -16.54 12.12 14.11
N ARG D 108 -17.59 12.46 14.88
CA ARG D 108 -18.48 13.59 14.61
C ARG D 108 -17.61 14.87 14.61
N MET D 109 -17.74 15.75 13.61
CA MET D 109 -16.94 17.01 13.70
C MET D 109 -17.55 18.09 14.61
N ASP D 110 -16.69 18.85 15.26
CA ASP D 110 -16.98 20.15 15.87
C ASP D 110 -16.91 21.32 14.88
N ILE D 111 -18.09 21.81 14.49
CA ILE D 111 -18.23 23.13 13.86
C ILE D 111 -18.35 24.34 14.89
N ASP D 112 -17.22 24.99 15.23
C ASP D 112 -17.60 25.99 17.51
N GLY D 113 -17.32 24.74 17.93
CA GLY D 113 -17.60 24.27 19.31
C GLY D 113 -18.90 23.51 19.40
N LYS D 114 -19.62 23.30 18.31
CA LYS D 114 -20.87 22.56 18.37
C LYS D 114 -20.71 21.18 17.67
N PRO D 115 -21.03 20.04 18.33
CA PRO D 115 -21.06 18.79 17.57
C PRO D 115 -22.04 18.84 16.43
N HIS D 116 -21.59 18.51 15.24
CA HIS D 116 -22.49 18.61 14.13
C HIS D 116 -23.32 17.33 14.10
N PRO D 117 -24.62 17.47 13.85
CA PRO D 117 -25.41 16.28 13.84
C PRO D 117 -25.23 15.32 12.72
N HIS D 118 -24.57 15.65 11.64
CA HIS D 118 -24.48 14.58 10.61
C HIS D 118 -23.22 14.48 9.69
N SER D 119 -22.07 14.86 10.26
CA SER D 119 -20.85 15.11 9.50
C SER D 119 -19.71 14.64 10.30
N PHE D 120 -18.90 13.81 9.61
CA PHE D 120 -17.81 13.10 10.24
C PHE D 120 -16.59 13.19 9.45
N ILE D 121 -15.54 13.01 10.22
CA ILE D 121 -14.19 13.01 9.76
C ILE D 121 -13.51 11.73 10.24
N ARG D 122 -12.74 11.10 9.34
CA ARG D 122 -11.75 10.03 9.63
C ARG D 122 -10.58 10.63 10.38
N ASP D 123 -10.73 10.77 11.66
CA ASP D 123 -9.67 11.40 12.40
C ASP D 123 -8.53 10.53 12.78
N SER D 124 -8.36 9.36 12.20
CA SER D 124 -7.09 8.60 12.47
C SER D 124 -7.18 7.27 11.79
N GLU D 125 -6.01 6.77 11.41
CA GLU D 125 -6.11 5.49 10.76
C GLU D 125 -6.24 4.30 11.80
N GLU D 126 -6.27 4.64 13.12
CA GLU D 126 -6.41 3.68 14.20
C GLU D 126 -7.71 2.84 14.10
N LYS D 127 -7.62 1.55 14.38
CA LYS D 127 -8.78 0.71 14.33
C LYS D 127 -9.14 0.08 15.70
N ARG D 128 -10.36 -0.37 15.75
CA ARG D 128 -10.83 -1.13 16.89
C ARG D 128 -11.34 -2.42 16.27
N ASN D 129 -10.88 -3.56 16.76
CA ASN D 129 -11.26 -4.83 16.11
C ASN D 129 -11.77 -5.85 17.08
N VAL D 130 -12.43 -6.89 16.55
CA VAL D 130 -12.77 -8.02 17.40
C VAL D 130 -12.59 -9.25 16.61
N GLN D 131 -11.97 -10.26 17.21
CA GLN D 131 -12.10 -11.62 16.71
C GLN D 131 -13.03 -12.42 17.62
N VAL D 132 -14.10 -12.98 17.08
CA VAL D 132 -15.05 -13.69 17.85
C VAL D 132 -15.07 -15.09 17.29
N ASP D 133 -14.72 -16.10 18.05
CA ASP D 133 -14.88 -17.55 17.60
C ASP D 133 -16.05 -18.25 18.30
N VAL D 134 -17.02 -18.65 17.51
CA VAL D 134 -18.14 -19.39 17.99
C VAL D 134 -18.00 -20.91 17.64
N VAL D 135 -17.68 -21.69 18.66
CA VAL D 135 -17.65 -23.20 18.50
C VAL D 135 -18.82 -23.94 19.18
N GLU D 136 -19.54 -24.79 18.44
CA GLU D 136 -20.64 -25.61 18.97
C GLU D 136 -20.26 -26.29 20.30
N GLY D 137 -21.14 -26.13 21.29
CA GLY D 137 -20.88 -26.66 22.59
C GLY D 137 -19.77 -26.02 23.33
N LYS D 138 -19.06 -25.04 22.77
CA LYS D 138 -17.99 -24.46 23.55
C LYS D 138 -18.22 -23.00 23.83
N GLY D 139 -19.37 -22.48 23.41
CA GLY D 139 -19.63 -21.08 23.74
C GLY D 139 -18.90 -20.09 22.79
N ILE D 140 -18.45 -18.95 23.29
CA ILE D 140 -18.02 -17.86 22.45
C ILE D 140 -16.72 -17.28 23.00
N ASP D 141 -15.63 -17.40 22.27
CA ASP D 141 -14.39 -16.66 22.67
C ASP D 141 -14.21 -15.35 21.87
N ILE D 142 -13.87 -14.28 22.58
CA ILE D 142 -13.77 -12.98 22.04
C ILE D 142 -12.40 -12.40 22.40
N LYS D 143 -11.61 -11.98 21.37
CA LYS D 143 -10.37 -11.21 21.51
C LYS D 143 -10.72 -9.81 20.94
N SER D 144 -10.40 -8.78 21.69
CA SER D 144 -10.87 -7.47 21.38
C SER D 144 -9.59 -6.74 21.24
N SER D 145 -9.54 -5.72 20.35
CA SER D 145 -8.23 -4.99 20.22
C SER D 145 -8.24 -3.69 19.66
N LEU D 146 -7.23 -2.93 20.04
CA LEU D 146 -6.97 -1.72 19.28
C LEU D 146 -5.69 -1.90 18.45
N SER D 147 -5.62 -1.30 17.27
CA SER D 147 -4.36 -1.32 16.54
C SER D 147 -4.25 -0.09 15.64
N GLY D 148 -3.05 0.17 15.08
CA GLY D 148 -2.74 1.32 14.22
C GLY D 148 -2.57 2.60 15.00
N LEU D 149 -2.13 2.51 16.24
CA LEU D 149 -2.18 3.71 17.13
C LEU D 149 -0.71 4.00 17.08
N THR D 150 -0.32 5.19 16.65
CA THR D 150 1.10 5.44 16.43
C THR D 150 1.54 6.63 17.27
N VAL D 151 2.63 6.46 18.00
CA VAL D 151 2.98 7.50 18.98
C VAL D 151 4.46 7.75 18.97
N LEU D 152 4.83 8.89 19.53
CA LEU D 152 6.19 9.32 19.58
C LEU D 152 6.35 10.09 20.87
N LYS D 153 7.49 9.89 21.53
CA LYS D 153 7.84 10.84 22.57
C LYS D 153 9.26 11.21 22.36
N SER D 154 9.58 12.49 22.52
CA SER D 154 10.87 13.03 22.08
C SER D 154 11.93 12.97 23.13
N THR D 155 11.53 12.48 24.31
CA THR D 155 12.49 12.30 25.40
C THR D 155 11.87 11.45 26.47
N ASN D 156 12.59 11.30 27.57
CA ASN D 156 12.15 10.46 28.68
C ASN D 156 11.94 9.08 28.26
N SER D 157 12.94 8.61 27.50
CA SER D 157 13.19 7.18 27.27
C SER D 157 14.69 6.94 27.33
N GLN D 158 15.10 5.77 27.81
CA GLN D 158 16.49 5.37 27.64
C GLN D 158 16.73 3.97 27.19
N PHE D 159 18.00 3.72 26.97
CA PHE D 159 18.44 2.37 26.65
C PHE D 159 19.88 2.13 27.06
N TRP D 160 20.10 1.42 28.18
CA TRP D 160 21.46 1.16 28.66
C TRP D 160 21.43 -0.11 29.39
N GLY D 161 22.59 -0.73 29.54
CA GLY D 161 22.76 -1.91 30.34
C GLY D 161 22.30 -3.16 29.67
N PHE D 162 22.36 -3.26 28.34
CA PHE D 162 21.91 -4.51 27.66
C PHE D 162 23.15 -5.38 27.47
N LEU D 163 22.97 -6.65 27.13
CA LEU D 163 24.05 -7.59 26.93
C LEU D 163 25.08 -7.08 25.92
N ARG D 164 26.40 -7.10 26.19
CA ARG D 164 27.39 -6.65 25.22
C ARG D 164 28.36 -7.75 24.84
N ASP D 165 28.45 -8.09 23.55
CA ASP D 165 29.42 -9.07 23.12
C ASP D 165 30.06 -8.58 21.81
N GLU D 166 30.74 -9.44 21.08
CA GLU D 166 31.33 -9.07 19.81
C GLU D 166 30.31 -8.86 18.65
N TYR D 167 29.01 -9.01 18.94
CA TYR D 167 27.99 -8.63 17.96
C TYR D 167 27.41 -7.21 18.25
N THR D 168 27.85 -6.63 19.35
CA THR D 168 27.29 -5.38 19.76
C THR D 168 28.03 -4.21 19.25
N THR D 169 27.37 -3.31 18.54
CA THR D 169 28.01 -2.02 18.29
C THR D 169 27.23 -0.86 18.91
N LEU D 170 25.96 -1.09 19.30
CA LEU D 170 25.05 0.03 19.63
C LEU D 170 25.56 0.84 20.87
N LYS D 171 25.66 2.19 20.83
CA LYS D 171 26.05 2.97 22.11
C LYS D 171 24.87 3.08 23.05
N GLU D 172 25.14 3.07 24.36
CA GLU D 172 24.06 3.20 25.36
C GLU D 172 23.53 4.63 25.43
N THR D 173 22.31 4.85 25.91
CA THR D 173 21.88 6.24 25.86
C THR D 173 20.89 6.57 26.95
N TRP D 174 20.93 7.85 27.38
CA TRP D 174 20.19 8.31 28.58
C TRP D 174 19.09 9.25 28.20
N ASP D 175 19.13 9.68 26.94
CA ASP D 175 18.02 10.44 26.37
C ASP D 175 17.92 10.08 24.89
N ARG D 176 16.77 9.52 24.46
CA ARG D 176 16.57 9.07 23.07
C ARG D 176 15.09 9.27 22.68
N ILE D 177 14.71 9.22 21.42
CA ILE D 177 13.30 9.33 20.93
C ILE D 177 12.65 7.96 20.98
N LEU D 178 11.44 7.81 21.46
CA LEU D 178 10.76 6.53 21.38
C LEU D 178 9.45 6.65 20.61
N SER D 179 9.31 5.80 19.58
CA SER D 179 8.18 5.86 18.70
C SER D 179 7.75 4.44 18.34
N THR D 180 6.45 4.18 18.19
CA THR D 180 6.02 2.84 17.98
C THR D 180 4.59 2.87 17.52
N ASP D 181 4.20 1.84 16.77
CA ASP D 181 2.78 1.53 16.56
C ASP D 181 2.43 0.65 17.71
N VAL D 182 1.15 0.64 18.10
CA VAL D 182 0.77 -0.12 19.27
C VAL D 182 -0.40 -0.91 18.83
N ASP D 183 -0.28 -2.18 19.07
CA ASP D 183 -1.32 -3.12 18.81
C ASP D 183 -1.64 -3.88 20.18
N ALA D 184 -2.85 -3.79 20.69
CA ALA D 184 -3.19 -4.35 21.98
C ALA D 184 -4.43 -5.18 21.92
N THR D 185 -4.29 -6.46 22.31
CA THR D 185 -5.40 -7.41 22.34
C THR D 185 -5.70 -7.82 23.78
N TRP D 186 -6.93 -7.62 24.19
CA TRP D 186 -7.36 -8.20 25.49
C TRP D 186 -8.32 -9.34 25.22
N GLN D 187 -8.06 -10.44 25.92
CA GLN D 187 -8.96 -11.57 25.77
C GLN D 187 -9.95 -11.80 26.87
N TRP D 188 -11.21 -11.84 26.49
CA TRP D 188 -12.30 -12.11 27.44
C TRP D 188 -12.35 -13.59 27.83
N LYS D 189 -12.81 -13.83 29.08
CA LYS D 189 -13.18 -15.17 29.60
C LYS D 189 -14.16 -15.77 28.67
N ASN D 190 -14.09 -17.06 28.47
CA ASN D 190 -15.10 -17.74 27.66
C ASN D 190 -16.53 -17.36 28.11
N PHE D 191 -17.45 -17.10 27.19
CA PHE D 191 -18.84 -16.86 27.58
C PHE D 191 -19.51 -18.11 27.16
N SER D 192 -20.63 -18.45 27.78
CA SER D 192 -21.26 -19.74 27.46
C SER D 192 -22.21 -19.66 26.25
N GLY D 193 -22.67 -18.46 25.87
CA GLY D 193 -23.53 -18.32 24.67
C GLY D 193 -23.95 -16.86 24.51
N LEU D 194 -24.88 -16.61 23.57
CA LEU D 194 -25.36 -15.24 23.30
C LEU D 194 -25.83 -14.39 24.48
N GLN D 195 -26.80 -14.95 25.15
CA GLN D 195 -27.08 -14.70 26.52
C GLN D 195 -26.06 -13.97 27.43
N GLU D 196 -25.04 -14.71 27.86
CA GLU D 196 -24.11 -14.21 28.86
C GLU D 196 -23.42 -13.00 28.26
N VAL D 197 -23.27 -13.05 26.91
CA VAL D 197 -22.66 -11.96 26.10
C VAL D 197 -23.50 -10.68 26.19
N ARG D 198 -24.80 -10.71 25.82
CA ARG D 198 -25.75 -9.60 26.14
C ARG D 198 -25.76 -9.09 27.56
N SER D 199 -25.69 -9.94 28.56
CA SER D 199 -25.65 -9.32 29.88
C SER D 199 -24.38 -8.50 30.04
N HIS D 200 -23.33 -8.74 29.25
CA HIS D 200 -22.11 -7.93 29.47
C HIS D 200 -21.87 -6.70 28.62
N VAL D 201 -22.80 -6.45 27.72
CA VAL D 201 -22.60 -5.42 26.73
C VAL D 201 -21.92 -4.15 27.29
N PRO D 202 -22.44 -3.55 28.37
CA PRO D 202 -21.73 -2.26 28.72
C PRO D 202 -20.22 -2.38 29.02
N LYS D 203 -19.74 -3.59 29.28
CA LYS D 203 -18.32 -3.67 29.61
C LYS D 203 -17.39 -3.42 28.37
N PHE D 204 -17.89 -3.63 27.13
CA PHE D 204 -17.03 -3.78 25.98
C PHE D 204 -16.44 -2.41 25.61
N ASP D 205 -17.34 -1.45 25.34
CA ASP D 205 -16.97 -0.09 25.10
C ASP D 205 -16.18 0.41 26.30
N ALA D 206 -16.65 0.15 27.53
CA ALA D 206 -15.96 0.73 28.66
C ALA D 206 -14.54 0.18 28.64
N THR D 207 -14.38 -1.09 28.29
CA THR D 207 -13.00 -1.66 28.33
C THR D 207 -11.98 -1.18 27.25
N TRP D 208 -12.48 -1.09 26.01
CA TRP D 208 -11.79 -0.42 24.99
C TRP D 208 -11.30 0.92 25.47
N ALA D 209 -12.21 1.75 26.01
CA ALA D 209 -11.80 3.15 26.38
C ALA D 209 -10.69 3.14 27.43
N THR D 210 -10.75 2.14 28.29
CA THR D 210 -9.81 2.04 29.36
C THR D 210 -8.48 1.62 28.81
N ALA D 211 -8.51 0.49 28.07
CA ALA D 211 -7.33 -0.02 27.40
C ALA D 211 -6.61 1.16 26.60
N ARG D 212 -7.42 1.99 25.93
CA ARG D 212 -6.81 3.03 25.13
C ARG D 212 -6.16 4.07 26.03
N GLU D 213 -6.91 4.48 27.05
CA GLU D 213 -6.44 5.47 27.94
C GLU D 213 -5.23 5.01 28.73
N VAL D 214 -5.23 3.81 29.31
CA VAL D 214 -4.00 3.32 29.95
C VAL D 214 -2.74 3.31 29.04
N THR D 215 -2.94 2.93 27.79
CA THR D 215 -1.88 2.79 26.85
C THR D 215 -1.26 4.14 26.61
N LEU D 216 -2.15 5.10 26.38
CA LEU D 216 -1.76 6.46 26.09
C LEU D 216 -1.02 7.14 27.22
N LYS D 217 -1.55 7.00 28.41
CA LYS D 217 -1.07 7.67 29.60
C LYS D 217 0.20 7.00 30.19
N THR D 218 0.25 5.67 30.12
CA THR D 218 1.45 4.99 30.54
C THR D 218 2.61 5.35 29.60
N PHE D 219 2.33 5.31 28.29
CA PHE D 219 3.36 5.47 27.30
C PHE D 219 3.92 6.87 27.51
N ALA D 220 3.03 7.84 27.76
CA ALA D 220 3.39 9.24 27.97
C ALA D 220 4.14 9.53 29.27
N GLU D 221 3.78 8.85 30.36
CA GLU D 221 4.31 9.25 31.68
C GLU D 221 5.44 8.36 32.11
N ASP D 222 5.47 7.15 31.64
CA ASP D 222 6.54 6.30 31.98
C ASP D 222 7.87 6.78 31.43
N ASN D 223 8.84 6.84 32.29
CA ASN D 223 10.16 7.16 31.92
C ASN D 223 11.02 5.94 32.21
N SER D 224 11.11 5.02 31.24
CA SER D 224 11.86 3.79 31.42
C SER D 224 12.97 3.54 30.41
N ALA D 225 13.88 2.66 30.80
CA ALA D 225 14.94 2.14 29.98
C ALA D 225 14.52 0.78 29.42
N SER D 226 13.26 0.43 29.53
CA SER D 226 12.88 -0.76 28.85
C SER D 226 11.45 -0.63 28.37
N VAL D 227 11.30 -0.65 27.06
CA VAL D 227 10.00 -0.80 26.46
C VAL D 227 9.18 -2.04 27.03
N GLN D 228 9.87 -3.18 27.20
CA GLN D 228 9.33 -4.35 27.91
C GLN D 228 8.56 -3.98 29.18
N ALA D 229 9.24 -3.23 30.06
CA ALA D 229 8.64 -2.81 31.33
C ALA D 229 7.50 -1.85 31.13
N THR D 230 7.67 -0.94 30.19
CA THR D 230 6.52 -0.10 29.93
C THR D 230 5.33 -0.98 29.52
N MET D 231 5.50 -1.96 28.62
CA MET D 231 4.38 -2.74 28.12
C MET D 231 3.76 -3.49 29.25
N TYR D 232 4.59 -4.11 30.09
CA TYR D 232 4.06 -4.85 31.22
C TYR D 232 3.19 -3.95 32.16
N LYS D 233 3.69 -2.79 32.59
CA LYS D 233 2.81 -1.92 33.33
C LYS D 233 1.46 -1.67 32.62
N MET D 234 1.46 -1.54 31.28
CA MET D 234 0.20 -1.29 30.62
C MET D 234 -0.74 -2.48 30.86
N ALA D 235 -0.21 -3.70 30.76
CA ALA D 235 -1.05 -4.87 30.78
C ALA D 235 -1.68 -5.03 32.19
N GLU D 236 -0.84 -5.02 33.22
CA GLU D 236 -1.24 -4.95 34.62
C GLU D 236 -2.43 -4.09 34.91
N GLN D 237 -2.37 -2.81 34.52
CA GLN D 237 -3.51 -1.96 34.84
C GLN D 237 -4.73 -2.44 34.12
N ILE D 238 -4.60 -2.94 32.89
CA ILE D 238 -5.82 -3.36 32.20
C ILE D 238 -6.37 -4.58 32.95
N LEU D 239 -5.51 -5.52 33.32
CA LEU D 239 -5.94 -6.70 34.11
C LEU D 239 -6.61 -6.25 35.43
N ALA D 240 -5.90 -5.43 36.21
CA ALA D 240 -6.45 -4.78 37.41
C ALA D 240 -7.81 -4.21 37.18
N ARG D 241 -8.08 -3.65 36.04
CA ARG D 241 -9.26 -2.84 35.96
C ARG D 241 -10.49 -3.53 35.40
N GLN D 242 -10.37 -4.77 34.97
CA GLN D 242 -11.52 -5.48 34.44
C GLN D 242 -11.33 -6.99 34.74
N GLN D 243 -12.19 -7.50 35.62
CA GLN D 243 -12.20 -8.89 36.10
C GLN D 243 -12.35 -9.88 34.97
N LEU D 244 -13.21 -9.61 33.98
CA LEU D 244 -13.49 -10.60 32.99
C LEU D 244 -12.39 -10.84 31.91
N ILE D 245 -11.31 -10.08 31.93
CA ILE D 245 -10.29 -10.25 30.92
C ILE D 245 -9.33 -11.30 31.41
N GLU D 246 -9.06 -12.33 30.60
CA GLU D 246 -8.09 -13.35 30.99
C GLU D 246 -6.66 -12.94 30.74
N THR D 247 -6.32 -12.62 29.47
CA THR D 247 -4.95 -12.26 29.01
C THR D 247 -4.97 -10.89 28.37
N VAL D 248 -3.88 -10.12 28.58
CA VAL D 248 -3.55 -8.93 27.79
C VAL D 248 -2.24 -9.18 26.97
N GLU D 249 -2.22 -8.64 25.75
CA GLU D 249 -1.15 -8.94 24.76
C GLU D 249 -0.82 -7.67 24.05
N TYR D 250 0.44 -7.36 24.03
CA TYR D 250 0.83 -6.12 23.39
C TYR D 250 1.84 -6.50 22.40
N SER D 251 1.83 -5.84 21.27
CA SER D 251 2.85 -6.03 20.26
C SER D 251 3.28 -4.65 19.84
N LEU D 252 4.51 -4.23 20.10
CA LEU D 252 4.96 -2.88 19.65
C LEU D 252 6.08 -2.87 18.60
N PRO D 253 5.73 -2.51 17.32
CA PRO D 253 6.82 -2.37 16.35
C PRO D 253 7.44 -0.99 16.48
N ASN D 254 8.69 -0.94 16.99
CA ASN D 254 9.51 0.29 17.12
C ASN D 254 9.85 1.15 15.89
N LYS D 255 10.00 2.44 16.00
CA LYS D 255 10.40 3.14 14.79
C LYS D 255 11.67 3.86 15.13
N HIS D 256 12.81 3.52 14.54
CA HIS D 256 13.98 4.24 14.95
C HIS D 256 14.16 5.60 14.32
N TYR D 257 14.66 6.56 15.11
CA TYR D 257 15.04 7.86 14.58
C TYR D 257 16.59 7.93 14.83
N PHE D 258 17.44 8.05 13.80
CA PHE D 258 18.88 8.08 14.06
C PHE D 258 19.40 9.48 14.08
N GLU D 259 20.45 9.64 14.90
CA GLU D 259 21.15 10.90 14.98
C GLU D 259 21.93 11.03 13.74
N ILE D 260 22.14 12.26 13.32
CA ILE D 260 22.93 12.55 12.16
C ILE D 260 24.14 13.43 12.56
N ASP D 261 25.33 12.86 12.38
CA ASP D 261 26.52 13.59 12.67
C ASP D 261 26.81 14.54 11.55
N LEU D 262 26.68 15.81 11.83
CA LEU D 262 27.10 16.83 10.89
C LEU D 262 28.48 17.49 11.14
N SER D 263 29.30 16.88 12.02
CA SER D 263 30.54 17.58 12.46
C SER D 263 31.57 17.73 11.32
N TRP D 264 31.54 16.81 10.34
CA TRP D 264 32.25 16.98 9.08
C TRP D 264 31.95 18.29 8.41
N HIS D 265 30.89 18.98 8.79
CA HIS D 265 30.63 20.23 8.03
C HIS D 265 30.69 21.49 8.89
N LYS D 266 31.80 22.26 8.71
CA LYS D 266 32.07 23.45 9.54
C LYS D 266 31.90 23.11 11.01
N GLY D 267 32.25 21.87 11.41
CA GLY D 267 32.12 21.43 12.81
C GLY D 267 30.76 21.65 13.52
N LEU D 268 29.66 21.68 12.74
CA LEU D 268 28.27 21.66 13.23
C LEU D 268 28.09 20.53 14.25
N GLN D 269 27.45 20.86 15.37
CA GLN D 269 27.30 19.96 16.52
C GLN D 269 25.86 19.52 16.52
N ASN D 270 25.64 18.22 16.31
CA ASN D 270 24.24 17.74 16.24
C ASN D 270 24.02 16.38 16.81
N THR D 271 25.02 15.86 17.49
CA THR D 271 24.92 14.66 18.32
C THR D 271 24.73 15.02 19.77
N GLY D 272 24.59 13.99 20.60
CA GLY D 272 24.32 14.13 22.04
C GLY D 272 23.35 15.23 22.47
N LYS D 273 23.71 16.01 23.46
CA LYS D 273 22.89 17.10 23.94
C LYS D 273 22.52 18.10 22.82
N ASN D 274 23.15 17.99 21.65
CA ASN D 274 22.91 18.98 20.57
C ASN D 274 22.11 18.48 19.44
N ALA D 275 21.59 17.30 19.63
CA ALA D 275 20.90 16.62 18.62
C ALA D 275 19.62 17.37 18.38
N GLU D 276 19.39 17.84 17.16
CA GLU D 276 18.09 18.45 16.80
C GLU D 276 17.40 17.87 15.58
N VAL D 277 18.22 17.42 14.61
CA VAL D 277 17.71 16.95 13.33
C VAL D 277 18.01 15.50 13.30
N PHE D 278 17.02 14.66 12.99
CA PHE D 278 17.28 13.25 12.91
C PHE D 278 16.71 12.69 11.66
N ALA D 279 17.13 11.48 11.41
CA ALA D 279 16.72 10.72 10.24
C ALA D 279 15.80 9.55 10.67
N PRO D 280 14.50 9.73 10.42
CA PRO D 280 13.49 8.64 10.59
C PRO D 280 13.86 7.54 9.67
N GLN D 281 13.88 6.32 10.20
CA GLN D 281 14.21 5.13 9.42
C GLN D 281 12.98 4.36 9.10
N SER D 282 12.73 4.05 7.85
CA SER D 282 11.68 3.10 7.48
C SER D 282 11.91 1.66 7.91
N ASP D 283 13.14 1.22 8.04
CA ASP D 283 13.33 -0.22 8.37
C ASP D 283 14.82 -0.31 8.58
N PRO D 284 15.30 -1.33 9.32
CA PRO D 284 14.54 -2.37 9.95
C PRO D 284 13.93 -1.74 11.19
N ASN D 285 13.24 -2.55 11.99
CA ASN D 285 12.57 -2.01 13.15
C ASN D 285 12.54 -3.09 14.25
N GLY D 286 12.76 -2.67 15.51
CA GLY D 286 12.52 -3.54 16.65
C GLY D 286 11.08 -4.00 16.69
N LEU D 287 10.88 -5.21 17.14
CA LEU D 287 9.56 -5.71 17.37
C LEU D 287 9.53 -6.48 18.76
N ILE D 288 8.67 -6.01 19.69
CA ILE D 288 8.52 -6.52 21.03
C ILE D 288 7.10 -6.94 21.35
N LYS D 289 6.96 -8.18 21.80
CA LYS D 289 5.69 -8.66 22.30
C LYS D 289 5.72 -9.25 23.72
N CYS D 290 4.56 -9.30 24.36
CA CYS D 290 4.32 -10.23 25.43
C CYS D 290 2.88 -10.41 25.67
N THR D 291 2.55 -11.55 26.25
CA THR D 291 1.20 -11.86 26.65
C THR D 291 1.29 -11.92 28.17
N VAL D 292 0.35 -11.27 28.82
CA VAL D 292 0.29 -11.14 30.26
C VAL D 292 -1.08 -11.60 30.78
N GLY D 293 -1.01 -12.51 31.76
CA GLY D 293 -2.21 -13.12 32.37
C GLY D 293 -2.23 -12.94 33.86
N ARG D 294 -3.25 -13.52 34.49
CA ARG D 294 -3.34 -13.47 35.97
C ARG D 294 -2.35 -14.44 36.71
N SER D 295 -1.92 -14.02 37.89
CA SER D 295 -1.15 -14.92 38.81
C SER D 295 -2.00 -16.03 39.50
N SER D 296 -1.84 -17.29 39.11
#